data_6MAN
#
_entry.id   6MAN
#
_cell.length_a   58.880
_cell.length_b   81.740
_cell.length_c   89.180
_cell.angle_alpha   90.000
_cell.angle_beta   92.870
_cell.angle_gamma   90.000
#
_symmetry.space_group_name_H-M   'P 1 21 1'
#
loop_
_entity.id
_entity.type
_entity.pdbx_description
1 polymer 'Beta sliding clamp'
2 non-polymer 1,2-ETHANEDIOL
3 non-polymer 'THIOCYANATE ION'
4 water water
#
_entity_poly.entity_id   1
_entity_poly.type   'polypeptide(L)'
_entity_poly.pdbx_seq_one_letter_code
;MAHHHHHHMLKVIVETKTLVQALGFASSVVEKRNIISELANIKLLAKDGLLELSSTNMDLYLSQKIGVQVVSEGELTVST
KTLNDIVKKLPDSELTLTDLGTTGLEITGKNCRFNLFTLPVESFPVMDNINPEASFKISCAEFAKIIESTKFSVSLDETR
YNLNGIYLHVKDSEFYAASTDGHRLSVSSVVLAEKIEDFGVILPQKSAEEILKIVKDSKNANADIEILLSSNKIKFICNE
NVIMLSKLIDGTFPDYSSFIPENSSSKLVINRKIFADTIERIAIITVEKFRAVKLSLSGEALEISAIGEARGNAKEVINS
SKETENFYEYSGETNLDIGFNPQYLEDVLKAIKSDLVELYFSSVSAPVLIKFPESPKDIFVVMPVKV
;
_entity_poly.pdbx_strand_id   A,B
#
loop_
_chem_comp.id
_chem_comp.type
_chem_comp.name
_chem_comp.formula
EDO non-polymer 1,2-ETHANEDIOL 'C2 H6 O2'
SCN non-polymer 'THIOCYANATE ION' 'C N S -1'
#
# COMPACT_ATOMS: atom_id res chain seq x y z
N HIS A 8 -40.08 4.16 -18.26
CA HIS A 8 -38.92 4.10 -19.15
C HIS A 8 -37.60 4.54 -18.49
N MET A 9 -37.60 5.68 -17.78
CA MET A 9 -36.36 6.23 -17.27
C MET A 9 -36.32 6.13 -15.75
N LEU A 10 -35.15 5.71 -15.27
CA LEU A 10 -34.95 5.26 -13.91
C LEU A 10 -34.79 6.43 -12.95
N LYS A 11 -35.35 6.28 -11.76
CA LYS A 11 -35.08 7.22 -10.67
C LYS A 11 -35.22 6.47 -9.37
N VAL A 12 -34.15 6.44 -8.59
CA VAL A 12 -34.11 5.73 -7.32
C VAL A 12 -33.34 6.57 -6.34
N ILE A 13 -33.60 6.33 -5.07
CA ILE A 13 -32.87 6.91 -3.95
C ILE A 13 -32.23 5.76 -3.21
N VAL A 14 -30.93 5.85 -3.02
CA VAL A 14 -30.15 4.69 -2.60
C VAL A 14 -29.24 5.09 -1.44
N GLU A 15 -29.02 4.13 -0.53
CA GLU A 15 -28.10 4.31 0.59
C GLU A 15 -26.65 4.26 0.11
N THR A 16 -25.93 5.37 0.31
CA THR A 16 -24.60 5.49 -0.30
C THR A 16 -23.69 4.34 0.09
N LYS A 17 -23.71 3.95 1.38
CA LYS A 17 -22.81 2.89 1.84
C LYS A 17 -23.12 1.58 1.13
N THR A 18 -24.38 1.34 0.82
CA THR A 18 -24.76 0.08 0.18
C THR A 18 -24.39 0.09 -1.29
N LEU A 19 -24.41 1.27 -1.93
CA LEU A 19 -23.96 1.35 -3.31
C LEU A 19 -22.43 1.24 -3.39
N VAL A 20 -21.70 1.71 -2.39
CA VAL A 20 -20.24 1.59 -2.44
C VAL A 20 -19.82 0.13 -2.36
N GLN A 21 -20.41 -0.61 -1.43
CA GLN A 21 -20.06 -2.02 -1.28
C GLN A 21 -20.29 -2.78 -2.59
N ALA A 22 -21.47 -2.58 -3.20
CA ALA A 22 -21.81 -3.29 -4.44
C ALA A 22 -20.87 -2.88 -5.57
N LEU A 23 -20.57 -1.59 -5.66
CA LEU A 23 -19.64 -1.16 -6.70
C LEU A 23 -18.25 -1.71 -6.49
N GLY A 24 -17.86 -1.97 -5.24
CA GLY A 24 -16.55 -2.60 -5.03
C GLY A 24 -16.50 -4.02 -5.58
N PHE A 25 -17.60 -4.77 -5.44
CA PHE A 25 -17.66 -6.12 -6.00
C PHE A 25 -17.71 -6.09 -7.52
N ALA A 26 -18.44 -5.13 -8.09
CA ALA A 26 -18.53 -5.01 -9.54
C ALA A 26 -17.20 -4.60 -10.15
N SER A 27 -16.41 -3.82 -9.41
CA SER A 27 -15.14 -3.34 -9.94
C SER A 27 -14.17 -4.49 -10.22
N SER A 28 -14.12 -5.48 -9.33
CA SER A 28 -13.21 -6.60 -9.54
C SER A 28 -13.59 -7.43 -10.77
N VAL A 29 -14.86 -7.42 -11.15
CA VAL A 29 -15.29 -8.25 -12.28
C VAL A 29 -14.72 -7.73 -13.59
N VAL A 30 -14.78 -6.41 -13.80
CA VAL A 30 -14.52 -5.84 -15.11
C VAL A 30 -13.00 -5.79 -15.32
N GLU A 31 -12.49 -6.74 -16.09
CA GLU A 31 -11.11 -6.75 -16.55
C GLU A 31 -11.15 -6.70 -18.08
N LYS A 32 -10.31 -5.86 -18.67
CA LYS A 32 -10.43 -5.51 -20.08
C LYS A 32 -9.61 -6.42 -21.00
N ARG A 33 -9.68 -7.75 -20.78
CA ARG A 33 -9.10 -8.68 -21.74
CA ARG A 33 -9.11 -8.70 -21.73
C ARG A 33 -9.98 -8.89 -22.97
N ASN A 34 -11.18 -8.32 -22.99
CA ASN A 34 -12.15 -8.53 -24.05
C ASN A 34 -12.49 -7.21 -24.72
N ILE A 35 -12.61 -7.29 -26.05
CA ILE A 35 -12.75 -6.12 -26.91
C ILE A 35 -14.10 -5.41 -26.79
N ILE A 36 -15.09 -6.05 -26.18
CA ILE A 36 -16.45 -5.50 -26.12
C ILE A 36 -16.48 -4.42 -25.06
N SER A 37 -16.42 -3.14 -25.47
CA SER A 37 -16.30 -2.07 -24.49
C SER A 37 -17.54 -1.90 -23.62
N GLU A 38 -18.72 -2.31 -24.09
CA GLU A 38 -19.91 -2.25 -23.23
C GLU A 38 -19.73 -3.02 -21.93
N LEU A 39 -18.86 -4.04 -21.94
CA LEU A 39 -18.64 -4.83 -20.72
C LEU A 39 -17.85 -4.08 -19.66
N ALA A 40 -17.30 -2.91 -19.98
CA ALA A 40 -16.77 -2.06 -18.92
C ALA A 40 -17.88 -1.47 -18.09
N ASN A 41 -19.11 -1.48 -18.60
CA ASN A 41 -20.20 -0.82 -17.91
C ASN A 41 -20.94 -1.78 -16.98
N ILE A 42 -21.69 -1.18 -16.07
CA ILE A 42 -22.53 -1.88 -15.13
C ILE A 42 -23.98 -1.55 -15.48
N LYS A 43 -24.85 -2.54 -15.41
CA LYS A 43 -26.24 -2.35 -15.81
C LYS A 43 -27.08 -2.18 -14.55
N LEU A 44 -27.97 -1.18 -14.57
CA LEU A 44 -28.82 -0.83 -13.43
C LEU A 44 -30.28 -1.07 -13.82
N LEU A 45 -30.99 -1.88 -13.03
CA LEU A 45 -32.39 -2.20 -13.28
C LEU A 45 -33.20 -1.87 -12.04
N ALA A 46 -34.05 -0.85 -12.12
CA ALA A 46 -34.93 -0.47 -11.02
C ALA A 46 -36.29 -1.14 -11.24
N LYS A 47 -36.70 -1.99 -10.30
CA LYS A 47 -37.93 -2.75 -10.44
C LYS A 47 -38.28 -3.39 -9.11
N ASP A 48 -39.56 -3.31 -8.74
CA ASP A 48 -40.11 -4.03 -7.59
C ASP A 48 -39.36 -3.68 -6.30
N GLY A 49 -39.15 -2.38 -6.07
CA GLY A 49 -38.45 -1.90 -4.88
C GLY A 49 -36.98 -2.26 -4.75
N LEU A 50 -36.34 -2.76 -5.82
CA LEU A 50 -34.94 -3.15 -5.78
C LEU A 50 -34.18 -2.54 -6.93
N LEU A 51 -32.90 -2.28 -6.70
CA LEU A 51 -31.97 -1.89 -7.76
C LEU A 51 -31.08 -3.11 -8.02
N GLU A 52 -31.21 -3.69 -9.21
CA GLU A 52 -30.39 -4.83 -9.62
C GLU A 52 -29.18 -4.33 -10.41
N LEU A 53 -27.98 -4.73 -9.97
CA LEU A 53 -26.73 -4.35 -10.62
C LEU A 53 -26.10 -5.58 -11.26
N SER A 54 -25.78 -5.49 -12.56
CA SER A 54 -25.26 -6.63 -13.31
C SER A 54 -23.90 -6.30 -13.90
N SER A 55 -22.93 -7.21 -13.71
CA SER A 55 -21.58 -7.06 -14.22
C SER A 55 -21.11 -8.38 -14.82
N THR A 56 -20.33 -8.29 -15.88
CA THR A 56 -19.85 -9.49 -16.56
C THR A 56 -18.54 -9.19 -17.25
N ASN A 57 -17.71 -10.24 -17.43
CA ASN A 57 -16.52 -10.16 -18.27
C ASN A 57 -16.48 -11.30 -19.29
N MET A 58 -17.62 -11.96 -19.54
CA MET A 58 -17.83 -13.07 -20.45
C MET A 58 -17.42 -14.42 -19.86
N ASP A 59 -16.67 -14.44 -18.76
CA ASP A 59 -16.30 -15.66 -18.07
C ASP A 59 -17.05 -15.81 -16.76
N LEU A 60 -17.62 -14.72 -16.26
CA LEU A 60 -18.23 -14.64 -14.96
C LEU A 60 -19.33 -13.60 -15.06
N TYR A 61 -20.41 -13.81 -14.30
CA TYR A 61 -21.55 -12.89 -14.30
C TYR A 61 -21.99 -12.67 -12.86
N LEU A 62 -22.06 -11.41 -12.46
CA LEU A 62 -22.44 -11.03 -11.10
C LEU A 62 -23.71 -10.19 -11.14
N SER A 63 -24.69 -10.57 -10.32
CA SER A 63 -25.98 -9.90 -10.19
C SER A 63 -26.19 -9.61 -8.72
N GLN A 64 -26.35 -8.33 -8.38
CA GLN A 64 -26.61 -7.90 -7.01
C GLN A 64 -27.90 -7.10 -6.96
N LYS A 65 -28.78 -7.43 -6.02
CA LYS A 65 -30.02 -6.69 -5.80
C LYS A 65 -29.93 -5.99 -4.45
N ILE A 66 -30.05 -4.68 -4.46
CA ILE A 66 -29.96 -3.88 -3.24
C ILE A 66 -31.27 -3.13 -3.06
N GLY A 67 -31.63 -2.93 -1.80
CA GLY A 67 -32.84 -2.21 -1.46
C GLY A 67 -32.68 -0.74 -1.74
N VAL A 68 -33.66 -0.15 -2.44
CA VAL A 68 -33.69 1.26 -2.75
C VAL A 68 -35.13 1.73 -2.63
N GLN A 69 -35.29 3.05 -2.63
CA GLN A 69 -36.60 3.65 -2.84
C GLN A 69 -36.72 3.89 -4.33
N VAL A 70 -37.62 3.16 -4.97
CA VAL A 70 -37.80 3.25 -6.41
C VAL A 70 -38.83 4.34 -6.66
N VAL A 71 -38.40 5.45 -7.26
CA VAL A 71 -39.33 6.52 -7.60
C VAL A 71 -39.92 6.29 -8.97
N SER A 72 -39.07 5.86 -9.90
CA SER A 72 -39.49 5.55 -11.27
C SER A 72 -38.63 4.41 -11.77
N GLU A 73 -39.28 3.34 -12.25
CA GLU A 73 -38.59 2.16 -12.75
C GLU A 73 -37.89 2.43 -14.07
N GLY A 74 -36.89 1.61 -14.36
CA GLY A 74 -36.13 1.77 -15.59
C GLY A 74 -34.83 0.99 -15.54
N GLU A 75 -34.06 1.15 -16.62
CA GLU A 75 -32.80 0.45 -16.77
C GLU A 75 -31.87 1.25 -17.65
N LEU A 76 -30.56 1.12 -17.38
CA LEU A 76 -29.51 1.81 -18.11
C LEU A 76 -28.20 1.07 -17.86
N THR A 77 -27.19 1.38 -18.67
CA THR A 77 -25.82 0.96 -18.38
C THR A 77 -24.92 2.18 -18.30
N VAL A 78 -23.91 2.11 -17.43
CA VAL A 78 -23.01 3.22 -17.17
C VAL A 78 -21.65 2.66 -16.78
N SER A 79 -20.59 3.42 -17.07
CA SER A 79 -19.22 3.03 -16.74
C SER A 79 -19.08 2.65 -15.28
N THR A 80 -18.62 1.41 -15.03
CA THR A 80 -18.41 0.93 -13.66
C THR A 80 -17.39 1.79 -12.91
N LYS A 81 -16.21 2.00 -13.50
CA LYS A 81 -15.16 2.73 -12.79
C LYS A 81 -15.57 4.18 -12.53
N THR A 82 -16.16 4.83 -13.52
CA THR A 82 -16.56 6.22 -13.31
C THR A 82 -17.62 6.34 -12.22
N LEU A 83 -18.60 5.44 -12.22
CA LEU A 83 -19.59 5.48 -11.15
C LEU A 83 -18.97 5.16 -9.80
N ASN A 84 -18.10 4.14 -9.76
CA ASN A 84 -17.46 3.75 -8.52
C ASN A 84 -16.58 4.87 -7.98
N ASP A 85 -15.80 5.52 -8.85
CA ASP A 85 -14.88 6.55 -8.38
C ASP A 85 -15.61 7.77 -7.83
N ILE A 86 -16.77 8.11 -8.41
CA ILE A 86 -17.53 9.26 -7.92
C ILE A 86 -18.26 8.93 -6.63
N VAL A 87 -18.88 7.75 -6.56
CA VAL A 87 -19.71 7.42 -5.40
C VAL A 87 -18.87 7.23 -4.13
N LYS A 88 -17.70 6.60 -4.26
CA LYS A 88 -16.97 6.43 -2.98
C LYS A 88 -16.34 7.73 -2.46
N LYS A 89 -16.59 8.89 -3.06
CA LYS A 89 -16.13 10.16 -2.53
C LYS A 89 -17.29 11.06 -2.10
N LEU A 90 -18.55 10.54 -2.11
CA LEU A 90 -19.69 11.35 -1.69
C LEU A 90 -19.96 11.14 -0.21
N PRO A 91 -20.14 12.21 0.57
CA PRO A 91 -20.32 12.08 2.02
C PRO A 91 -21.77 11.87 2.44
N ASP A 92 -22.72 12.13 1.54
CA ASP A 92 -24.12 11.98 1.87
C ASP A 92 -24.43 10.53 2.24
N SER A 93 -25.38 10.35 3.16
CA SER A 93 -25.82 9.00 3.52
C SER A 93 -26.66 8.38 2.42
N GLU A 94 -27.37 9.21 1.66
CA GLU A 94 -28.18 8.75 0.54
C GLU A 94 -27.87 9.58 -0.69
N LEU A 95 -28.07 8.97 -1.85
CA LEU A 95 -27.97 9.64 -3.13
C LEU A 95 -29.24 9.38 -3.92
N THR A 96 -29.41 10.18 -4.96
CA THR A 96 -30.53 10.06 -5.89
C THR A 96 -29.93 9.79 -7.27
N LEU A 97 -30.29 8.65 -7.86
CA LEU A 97 -29.91 8.35 -9.24
C LEU A 97 -31.10 8.60 -10.14
N THR A 98 -30.88 9.39 -11.20
CA THR A 98 -31.95 9.75 -12.12
C THR A 98 -31.40 9.70 -13.53
N ASP A 99 -32.10 8.98 -14.42
CA ASP A 99 -31.72 8.92 -15.83
C ASP A 99 -32.41 10.06 -16.57
N LEU A 100 -31.61 10.96 -17.15
CA LEU A 100 -32.14 12.12 -17.88
C LEU A 100 -31.97 11.99 -19.39
N GLY A 101 -31.86 10.76 -19.90
CA GLY A 101 -31.68 10.57 -21.33
C GLY A 101 -30.38 11.10 -21.88
N THR A 102 -30.46 12.10 -22.77
CA THR A 102 -29.28 12.61 -23.46
C THR A 102 -28.22 13.10 -22.47
N THR A 103 -28.63 13.71 -21.36
CA THR A 103 -27.68 14.07 -20.31
C THR A 103 -26.96 12.84 -19.77
N GLY A 104 -27.68 11.74 -19.59
CA GLY A 104 -27.11 10.56 -18.98
C GLY A 104 -27.58 10.38 -17.56
N LEU A 105 -26.86 9.54 -16.83
CA LEU A 105 -27.21 9.29 -15.44
C LEU A 105 -26.81 10.47 -14.57
N GLU A 106 -27.79 11.05 -13.87
CA GLU A 106 -27.53 12.15 -12.95
C GLU A 106 -27.47 11.63 -11.53
N ILE A 107 -26.37 11.94 -10.85
CA ILE A 107 -26.19 11.60 -9.45
C ILE A 107 -26.23 12.89 -8.65
N THR A 108 -27.07 12.92 -7.61
CA THR A 108 -27.19 14.12 -6.79
C THR A 108 -27.04 13.75 -5.33
N GLY A 109 -26.28 14.55 -4.60
CA GLY A 109 -26.36 14.54 -3.15
C GLY A 109 -26.69 15.95 -2.72
N LYS A 110 -26.53 16.27 -1.44
CA LYS A 110 -26.77 17.65 -1.02
C LYS A 110 -25.74 18.56 -1.70
N ASN A 111 -26.22 19.43 -2.58
CA ASN A 111 -25.43 20.49 -3.22
C ASN A 111 -24.43 20.00 -4.26
N CYS A 112 -24.52 18.76 -4.74
CA CYS A 112 -23.63 18.31 -5.81
C CYS A 112 -24.43 17.59 -6.89
N ARG A 113 -23.92 17.67 -8.11
CA ARG A 113 -24.58 17.08 -9.27
C ARG A 113 -23.52 16.50 -10.22
N PHE A 114 -23.64 15.23 -10.52
CA PHE A 114 -22.77 14.54 -11.47
C PHE A 114 -23.61 13.96 -12.59
N ASN A 115 -23.19 14.13 -13.83
CA ASN A 115 -23.85 13.52 -14.97
C ASN A 115 -22.86 12.62 -15.68
N LEU A 116 -23.24 11.36 -15.89
CA LEU A 116 -22.38 10.35 -16.52
C LEU A 116 -23.05 9.81 -17.78
N PHE A 117 -22.33 9.84 -18.90
CA PHE A 117 -22.88 9.27 -20.12
C PHE A 117 -23.18 7.79 -19.95
N THR A 118 -24.28 7.35 -20.56
CA THR A 118 -24.74 5.98 -20.49
C THR A 118 -24.55 5.30 -21.84
N LEU A 119 -24.63 3.97 -21.83
CA LEU A 119 -24.67 3.22 -23.07
C LEU A 119 -25.98 2.43 -23.15
N PRO A 120 -26.51 2.23 -24.35
CA PRO A 120 -27.77 1.49 -24.50
C PRO A 120 -27.69 0.09 -23.88
N VAL A 121 -28.79 -0.29 -23.23
CA VAL A 121 -28.90 -1.58 -22.53
C VAL A 121 -29.18 -2.76 -23.45
N GLU A 122 -29.65 -2.53 -24.68
CA GLU A 122 -30.08 -3.65 -25.53
C GLU A 122 -28.95 -4.65 -25.78
N SER A 123 -27.73 -4.16 -25.94
CA SER A 123 -26.61 -5.04 -26.21
C SER A 123 -26.05 -5.66 -24.94
N PHE A 124 -26.51 -5.25 -23.76
CA PHE A 124 -25.89 -5.81 -22.57
C PHE A 124 -26.39 -7.24 -22.33
N PRO A 125 -25.50 -8.18 -22.01
CA PRO A 125 -25.90 -9.59 -21.92
C PRO A 125 -26.66 -9.88 -20.64
N VAL A 126 -27.53 -10.88 -20.72
CA VAL A 126 -28.22 -11.40 -19.56
C VAL A 126 -27.42 -12.60 -19.09
N MET A 127 -27.58 -12.92 -17.81
CA MET A 127 -26.90 -14.07 -17.23
C MET A 127 -27.32 -15.36 -17.94
N ASP A 128 -26.35 -16.26 -18.13
CA ASP A 128 -26.62 -17.56 -18.72
C ASP A 128 -27.49 -18.39 -17.79
N ASN A 129 -28.12 -19.41 -18.35
CA ASN A 129 -28.87 -20.35 -17.53
C ASN A 129 -27.96 -21.47 -17.06
N ILE A 130 -28.35 -22.08 -15.94
CA ILE A 130 -27.69 -23.26 -15.41
C ILE A 130 -28.77 -24.30 -15.16
N ASN A 131 -28.49 -25.55 -15.53
CA ASN A 131 -29.36 -26.68 -15.22
C ASN A 131 -28.65 -27.55 -14.20
N PRO A 132 -28.86 -27.31 -12.90
CA PRO A 132 -27.98 -27.91 -11.90
C PRO A 132 -28.11 -29.43 -11.79
N GLU A 133 -26.97 -30.09 -11.59
CA GLU A 133 -26.96 -31.50 -11.26
C GLU A 133 -26.79 -31.74 -9.77
N ALA A 134 -26.37 -30.73 -9.02
CA ALA A 134 -26.21 -30.81 -7.58
C ALA A 134 -26.46 -29.44 -7.00
N SER A 135 -27.17 -29.41 -5.87
CA SER A 135 -27.46 -28.17 -5.17
C SER A 135 -27.44 -28.41 -3.67
N PHE A 136 -26.85 -27.47 -2.94
CA PHE A 136 -26.72 -27.63 -1.50
C PHE A 136 -26.42 -26.26 -0.90
N LYS A 137 -26.66 -26.16 0.41
CA LYS A 137 -26.47 -24.92 1.15
C LYS A 137 -25.48 -25.17 2.28
N ILE A 138 -24.53 -24.25 2.43
CA ILE A 138 -23.64 -24.18 3.59
C ILE A 138 -23.58 -22.73 4.05
N SER A 139 -22.96 -22.51 5.20
CA SER A 139 -22.85 -21.16 5.74
C SER A 139 -21.77 -20.39 5.00
N CYS A 140 -21.90 -19.06 4.99
CA CYS A 140 -20.90 -18.23 4.31
C CYS A 140 -19.55 -18.34 4.99
N ALA A 141 -19.56 -18.41 6.32
CA ALA A 141 -18.29 -18.58 7.04
C ALA A 141 -17.67 -19.93 6.73
N GLU A 142 -18.49 -20.97 6.58
CA GLU A 142 -17.95 -22.27 6.25
C GLU A 142 -17.34 -22.28 4.86
N PHE A 143 -17.97 -21.59 3.91
CA PHE A 143 -17.43 -21.56 2.56
C PHE A 143 -16.14 -20.74 2.52
N ALA A 144 -16.10 -19.64 3.28
CA ALA A 144 -14.89 -18.81 3.34
C ALA A 144 -13.71 -19.61 3.85
N LYS A 145 -13.95 -20.48 4.84
CA LYS A 145 -12.87 -21.25 5.45
C LYS A 145 -12.21 -22.15 4.41
N ILE A 146 -13.00 -22.95 3.70
CA ILE A 146 -12.42 -23.90 2.75
C ILE A 146 -11.75 -23.15 1.59
N ILE A 147 -12.20 -21.94 1.26
CA ILE A 147 -11.52 -21.21 0.19
C ILE A 147 -10.20 -20.65 0.70
N GLU A 148 -10.21 -20.08 1.91
CA GLU A 148 -8.96 -19.56 2.47
C GLU A 148 -7.97 -20.67 2.75
N SER A 149 -8.46 -21.88 3.05
CA SER A 149 -7.57 -23.02 3.27
C SER A 149 -6.96 -23.57 2.00
N THR A 150 -7.42 -23.14 0.82
CA THR A 150 -6.95 -23.74 -0.42
C THR A 150 -6.45 -22.75 -1.47
N LYS A 151 -6.73 -21.46 -1.35
CA LYS A 151 -6.44 -20.56 -2.45
C LYS A 151 -4.93 -20.37 -2.67
N PHE A 152 -4.13 -20.55 -1.63
CA PHE A 152 -2.69 -20.25 -1.74
C PHE A 152 -1.88 -21.35 -2.42
N SER A 153 -2.44 -22.54 -2.61
CA SER A 153 -1.68 -23.62 -3.22
C SER A 153 -2.22 -23.98 -4.60
N VAL A 154 -2.93 -23.05 -5.24
CA VAL A 154 -3.27 -23.20 -6.65
C VAL A 154 -2.01 -22.94 -7.48
N SER A 155 -1.86 -23.68 -8.57
CA SER A 155 -0.71 -23.45 -9.42
C SER A 155 -0.86 -22.13 -10.18
N LEU A 156 0.27 -21.49 -10.44
CA LEU A 156 0.31 -20.31 -11.29
C LEU A 156 1.00 -20.62 -12.61
N ASP A 157 1.41 -21.87 -12.79
CA ASP A 157 1.93 -22.36 -14.06
C ASP A 157 0.77 -22.51 -15.04
N GLU A 158 0.72 -21.64 -16.05
CA GLU A 158 -0.40 -21.66 -16.99
C GLU A 158 -0.44 -22.96 -17.79
N THR A 159 0.66 -23.73 -17.84
CA THR A 159 0.68 -24.99 -18.59
C THR A 159 0.19 -26.18 -17.77
N ARG A 160 0.05 -26.03 -16.46
CA ARG A 160 -0.61 -27.04 -15.63
C ARG A 160 -2.08 -26.66 -15.49
N TYR A 161 -2.81 -26.80 -16.60
CA TYR A 161 -4.11 -26.15 -16.75
C TYR A 161 -5.13 -26.63 -15.72
N ASN A 162 -5.13 -27.93 -15.42
CA ASN A 162 -6.08 -28.49 -14.46
C ASN A 162 -5.72 -28.16 -13.02
N LEU A 163 -4.56 -27.53 -12.77
CA LEU A 163 -4.13 -27.18 -11.43
C LEU A 163 -4.22 -25.68 -11.15
N ASN A 164 -4.79 -24.90 -12.08
CA ASN A 164 -4.90 -23.46 -11.89
C ASN A 164 -6.26 -23.06 -11.34
N GLY A 165 -6.94 -23.97 -10.63
CA GLY A 165 -8.17 -23.62 -9.94
C GLY A 165 -8.32 -24.29 -8.61
N ILE A 166 -9.53 -24.24 -8.05
CA ILE A 166 -9.87 -24.94 -6.82
C ILE A 166 -10.88 -26.02 -7.15
N TYR A 167 -10.51 -27.28 -6.88
CA TYR A 167 -11.40 -28.42 -7.07
C TYR A 167 -12.47 -28.39 -5.98
N LEU A 168 -13.73 -28.21 -6.40
CA LEU A 168 -14.87 -28.26 -5.50
C LEU A 168 -15.66 -29.53 -5.79
N HIS A 169 -15.79 -30.40 -4.80
CA HIS A 169 -16.46 -31.67 -5.07
C HIS A 169 -17.12 -32.19 -3.80
N VAL A 170 -18.19 -32.95 -4.01
CA VAL A 170 -18.95 -33.59 -2.94
C VAL A 170 -18.73 -35.09 -3.03
N LYS A 171 -18.30 -35.69 -1.92
CA LYS A 171 -18.13 -37.15 -1.84
C LYS A 171 -18.82 -37.61 -0.57
N ASP A 172 -19.85 -38.45 -0.72
CA ASP A 172 -20.60 -39.00 0.42
C ASP A 172 -21.17 -37.87 1.28
N SER A 173 -21.75 -36.86 0.62
CA SER A 173 -22.46 -35.77 1.30
C SER A 173 -21.52 -34.87 2.10
N GLU A 174 -20.24 -34.91 1.78
CA GLU A 174 -19.26 -34.02 2.39
C GLU A 174 -18.66 -33.19 1.26
N PHE A 175 -18.63 -31.88 1.44
CA PHE A 175 -18.20 -30.93 0.42
C PHE A 175 -16.74 -30.56 0.64
N TYR A 176 -15.89 -30.82 -0.37
CA TYR A 176 -14.45 -30.61 -0.28
C TYR A 176 -14.00 -29.53 -1.25
N ALA A 177 -13.04 -28.69 -0.80
CA ALA A 177 -12.18 -27.89 -1.66
C ALA A 177 -10.76 -28.46 -1.58
N ALA A 178 -10.07 -28.49 -2.72
CA ALA A 178 -8.70 -28.97 -2.77
C ALA A 178 -7.92 -28.20 -3.84
N SER A 179 -6.64 -27.99 -3.57
CA SER A 179 -5.78 -27.32 -4.54
C SER A 179 -4.37 -27.89 -4.43
N THR A 180 -3.69 -27.95 -5.57
CA THR A 180 -2.31 -28.39 -5.58
C THR A 180 -1.59 -27.74 -6.75
N ASP A 181 -0.27 -27.65 -6.61
CA ASP A 181 0.60 -27.08 -7.64
C ASP A 181 1.73 -28.03 -8.00
N GLY A 182 1.62 -29.31 -7.61
CA GLY A 182 2.66 -30.29 -7.80
C GLY A 182 3.68 -30.35 -6.69
N HIS A 183 3.71 -29.33 -5.82
CA HIS A 183 4.66 -29.27 -4.71
C HIS A 183 3.98 -29.33 -3.36
N ARG A 184 2.70 -28.97 -3.28
CA ARG A 184 1.95 -29.06 -2.03
C ARG A 184 0.50 -29.36 -2.38
N LEU A 185 -0.23 -29.79 -1.36
CA LEU A 185 -1.66 -30.07 -1.45
C LEU A 185 -2.36 -29.45 -0.25
N SER A 186 -3.54 -28.86 -0.50
CA SER A 186 -4.38 -28.28 0.55
C SER A 186 -5.80 -28.76 0.35
N VAL A 187 -6.43 -29.23 1.44
CA VAL A 187 -7.79 -29.77 1.41
C VAL A 187 -8.55 -29.20 2.60
N SER A 188 -9.82 -28.89 2.39
CA SER A 188 -10.68 -28.43 3.47
C SER A 188 -12.11 -28.84 3.14
N SER A 189 -12.85 -29.29 4.16
CA SER A 189 -14.16 -29.86 3.90
C SER A 189 -15.16 -29.48 4.98
N VAL A 190 -16.44 -29.55 4.62
CA VAL A 190 -17.53 -29.38 5.57
C VAL A 190 -18.59 -30.43 5.27
N VAL A 191 -19.13 -31.03 6.31
CA VAL A 191 -20.18 -32.03 6.16
C VAL A 191 -21.49 -31.34 5.84
N LEU A 192 -22.17 -31.82 4.79
CA LEU A 192 -23.46 -31.27 4.39
C LEU A 192 -24.58 -31.86 5.24
N ALA A 193 -25.64 -31.09 5.38
CA ALA A 193 -26.76 -31.49 6.23
C ALA A 193 -27.74 -32.41 5.51
N GLU A 194 -27.88 -32.26 4.20
CA GLU A 194 -28.74 -33.11 3.38
C GLU A 194 -27.90 -34.07 2.57
N LYS A 195 -28.41 -35.29 2.40
CA LYS A 195 -27.76 -36.26 1.53
C LYS A 195 -27.81 -35.78 0.09
N ILE A 196 -26.68 -35.85 -0.61
CA ILE A 196 -26.57 -35.39 -1.99
C ILE A 196 -25.58 -36.29 -2.72
N GLU A 197 -25.80 -36.47 -4.02
CA GLU A 197 -24.94 -37.33 -4.82
C GLU A 197 -23.60 -36.66 -5.14
N ASP A 198 -22.65 -37.49 -5.59
CA ASP A 198 -21.31 -37.01 -5.87
C ASP A 198 -21.29 -36.17 -7.14
N PHE A 199 -20.47 -35.12 -7.14
CA PHE A 199 -20.24 -34.25 -8.29
C PHE A 199 -19.07 -33.35 -7.96
N GLY A 200 -18.29 -33.03 -8.99
CA GLY A 200 -17.10 -32.20 -8.81
C GLY A 200 -16.90 -31.26 -9.98
N VAL A 201 -16.32 -30.09 -9.67
CA VAL A 201 -16.02 -29.07 -10.68
C VAL A 201 -14.72 -28.40 -10.26
N ILE A 202 -14.07 -27.75 -11.22
CA ILE A 202 -12.87 -26.96 -10.95
C ILE A 202 -13.23 -25.49 -11.14
N LEU A 203 -13.16 -24.73 -10.05
CA LEU A 203 -13.45 -23.30 -10.01
C LEU A 203 -12.23 -22.49 -10.44
N PRO A 204 -12.38 -21.61 -11.43
CA PRO A 204 -11.26 -20.70 -11.79
C PRO A 204 -10.83 -19.87 -10.59
N GLN A 205 -9.51 -19.63 -10.49
CA GLN A 205 -8.95 -18.89 -9.36
C GLN A 205 -9.58 -17.50 -9.22
N LYS A 206 -9.73 -16.79 -10.35
CA LYS A 206 -10.34 -15.46 -10.29
C LYS A 206 -11.77 -15.52 -9.76
N SER A 207 -12.52 -16.59 -10.09
CA SER A 207 -13.87 -16.72 -9.55
C SER A 207 -13.82 -17.03 -8.07
N ALA A 208 -12.81 -17.78 -7.64
CA ALA A 208 -12.63 -18.06 -6.22
C ALA A 208 -12.37 -16.77 -5.45
N GLU A 209 -11.49 -15.91 -5.98
CA GLU A 209 -11.17 -14.67 -5.28
C GLU A 209 -12.37 -13.75 -5.21
N GLU A 210 -13.19 -13.71 -6.26
CA GLU A 210 -14.35 -12.82 -6.28
C GLU A 210 -15.41 -13.27 -5.28
N ILE A 211 -15.76 -14.58 -5.30
CA ILE A 211 -16.78 -15.09 -4.38
C ILE A 211 -16.32 -14.98 -2.93
N LEU A 212 -15.01 -15.08 -2.68
CA LEU A 212 -14.51 -15.00 -1.31
C LEU A 212 -14.71 -13.61 -0.73
N LYS A 213 -14.40 -12.56 -1.51
CA LYS A 213 -14.67 -11.20 -1.03
C LYS A 213 -16.15 -11.03 -0.71
N ILE A 214 -17.02 -11.68 -1.49
CA ILE A 214 -18.45 -11.51 -1.28
C ILE A 214 -18.89 -12.21 0.01
N VAL A 215 -18.43 -13.44 0.23
CA VAL A 215 -18.87 -14.16 1.42
C VAL A 215 -18.21 -13.64 2.70
N LYS A 216 -17.08 -12.94 2.59
CA LYS A 216 -16.42 -12.41 3.76
C LYS A 216 -17.02 -11.11 4.23
N ASP A 217 -17.83 -10.46 3.38
CA ASP A 217 -18.40 -9.17 3.74
C ASP A 217 -19.27 -9.29 4.99
N SER A 218 -19.22 -8.24 5.82
CA SER A 218 -19.89 -8.26 7.11
C SER A 218 -21.40 -8.39 6.98
N LYS A 219 -21.96 -7.92 5.87
CA LYS A 219 -23.39 -8.12 5.62
C LYS A 219 -23.71 -9.59 5.50
N ASN A 220 -22.88 -10.36 4.77
CA ASN A 220 -23.19 -11.75 4.50
C ASN A 220 -22.54 -12.72 5.46
N ALA A 221 -21.44 -12.34 6.11
CA ALA A 221 -20.93 -13.17 7.19
C ALA A 221 -22.06 -13.33 8.20
N ASN A 222 -22.29 -14.58 8.63
CA ASN A 222 -23.39 -15.04 9.48
C ASN A 222 -24.54 -15.62 8.64
N ALA A 223 -24.53 -15.41 7.32
CA ALA A 223 -25.59 -15.90 6.44
C ALA A 223 -25.15 -17.19 5.73
N ASP A 224 -25.98 -17.67 4.81
CA ASP A 224 -25.72 -18.90 4.05
C ASP A 224 -25.52 -18.61 2.56
N ILE A 225 -24.84 -19.53 1.90
CA ILE A 225 -24.60 -19.46 0.46
C ILE A 225 -25.10 -20.75 -0.18
N GLU A 226 -25.87 -20.61 -1.27
CA GLU A 226 -26.35 -21.74 -2.04
C GLU A 226 -25.43 -21.95 -3.24
N ILE A 227 -25.01 -23.20 -3.44
CA ILE A 227 -24.06 -23.55 -4.48
C ILE A 227 -24.74 -24.53 -5.44
N LEU A 228 -24.82 -24.15 -6.71
CA LEU A 228 -25.42 -24.98 -7.75
C LEU A 228 -24.34 -25.39 -8.75
N LEU A 229 -24.20 -26.70 -8.95
CA LEU A 229 -23.17 -27.27 -9.80
C LEU A 229 -23.79 -27.91 -11.04
N SER A 230 -23.24 -27.58 -12.21
CA SER A 230 -23.49 -28.31 -13.43
C SER A 230 -22.14 -28.68 -14.05
N SER A 231 -22.18 -29.29 -15.22
CA SER A 231 -20.98 -29.77 -15.87
C SER A 231 -20.20 -28.66 -16.55
N ASN A 232 -20.84 -27.52 -16.87
CA ASN A 232 -20.14 -26.41 -17.49
C ASN A 232 -20.21 -25.12 -16.67
N LYS A 233 -20.97 -25.09 -15.58
CA LYS A 233 -21.17 -23.84 -14.86
C LYS A 233 -21.32 -24.12 -13.38
N ILE A 234 -21.00 -23.12 -12.57
CA ILE A 234 -21.29 -23.13 -11.15
C ILE A 234 -21.99 -21.82 -10.79
N LYS A 235 -22.96 -21.89 -9.89
CA LYS A 235 -23.75 -20.72 -9.48
C LYS A 235 -23.75 -20.59 -7.96
N PHE A 236 -23.41 -19.39 -7.49
CA PHE A 236 -23.46 -19.06 -6.08
C PHE A 236 -24.60 -18.09 -5.83
N ILE A 237 -25.42 -18.40 -4.84
CA ILE A 237 -26.51 -17.53 -4.41
C ILE A 237 -26.20 -17.21 -2.96
N CYS A 238 -25.60 -16.05 -2.73
CA CYS A 238 -25.07 -15.68 -1.42
C CYS A 238 -26.06 -14.73 -0.75
N ASN A 239 -26.69 -15.20 0.32
CA ASN A 239 -27.64 -14.39 1.10
C ASN A 239 -28.74 -13.85 0.21
N GLU A 240 -29.18 -14.69 -0.75
CA GLU A 240 -30.30 -14.43 -1.65
C GLU A 240 -30.09 -13.30 -2.66
N ASN A 241 -29.47 -12.19 -2.25
CA ASN A 241 -29.46 -10.98 -3.07
C ASN A 241 -28.28 -10.91 -4.04
N VAL A 242 -27.21 -11.68 -3.81
CA VAL A 242 -26.02 -11.64 -4.65
C VAL A 242 -25.89 -12.98 -5.36
N ILE A 243 -25.92 -12.94 -6.69
CA ILE A 243 -25.85 -14.15 -7.50
C ILE A 243 -24.64 -14.05 -8.40
N MET A 244 -23.79 -15.08 -8.37
CA MET A 244 -22.60 -15.11 -9.21
C MET A 244 -22.61 -16.41 -10.00
N LEU A 245 -22.51 -16.29 -11.31
CA LEU A 245 -22.39 -17.42 -12.21
C LEU A 245 -20.98 -17.43 -12.78
N SER A 246 -20.33 -18.59 -12.74
CA SER A 246 -18.97 -18.69 -13.25
C SER A 246 -18.85 -19.87 -14.20
N LYS A 247 -18.01 -19.68 -15.21
CA LYS A 247 -17.58 -20.81 -16.02
C LYS A 247 -16.59 -21.67 -15.23
N LEU A 248 -16.30 -22.85 -15.77
CA LEU A 248 -15.50 -23.85 -15.08
C LEU A 248 -14.24 -24.15 -15.88
N ILE A 249 -13.21 -24.63 -15.19
CA ILE A 249 -12.01 -25.08 -15.87
C ILE A 249 -12.27 -26.47 -16.44
N ASP A 250 -12.03 -26.65 -17.73
CA ASP A 250 -12.29 -27.91 -18.41
C ASP A 250 -11.03 -28.77 -18.26
N GLY A 251 -10.99 -29.55 -17.20
CA GLY A 251 -9.85 -30.39 -16.95
C GLY A 251 -10.17 -31.46 -15.93
N THR A 252 -9.12 -32.15 -15.50
CA THR A 252 -9.24 -33.29 -14.59
C THR A 252 -8.36 -33.04 -13.37
N PHE A 253 -9.00 -32.87 -12.21
CA PHE A 253 -8.17 -32.71 -11.03
C PHE A 253 -7.60 -34.08 -10.65
N PRO A 254 -6.33 -34.15 -10.29
CA PRO A 254 -5.71 -35.45 -10.02
C PRO A 254 -6.25 -36.07 -8.74
N ASP A 255 -6.10 -37.39 -8.65
CA ASP A 255 -6.51 -38.12 -7.46
C ASP A 255 -5.53 -37.82 -6.34
N TYR A 256 -5.84 -36.82 -5.51
CA TYR A 256 -4.90 -36.33 -4.51
C TYR A 256 -4.87 -37.17 -3.24
N SER A 257 -5.81 -38.11 -3.08
CA SER A 257 -5.86 -38.91 -1.86
C SER A 257 -4.55 -39.66 -1.61
N SER A 258 -3.86 -40.06 -2.68
CA SER A 258 -2.60 -40.77 -2.55
C SER A 258 -1.42 -39.87 -2.20
N PHE A 259 -1.58 -38.54 -2.31
CA PHE A 259 -0.52 -37.63 -1.93
C PHE A 259 -0.36 -37.56 -0.42
N ILE A 260 -1.41 -37.92 0.32
CA ILE A 260 -1.47 -37.78 1.77
C ILE A 260 -0.74 -38.93 2.45
N PRO A 261 0.31 -38.66 3.22
CA PRO A 261 1.04 -39.75 3.89
C PRO A 261 0.17 -40.44 4.95
N GLU A 262 0.12 -41.77 4.86
CA GLU A 262 -0.63 -42.58 5.82
C GLU A 262 0.26 -43.20 6.88
N ASN A 263 1.54 -43.42 6.59
CA ASN A 263 2.51 -43.98 7.53
C ASN A 263 3.45 -42.85 7.92
N SER A 264 3.39 -42.44 9.19
CA SER A 264 4.20 -41.34 9.70
C SER A 264 5.10 -41.83 10.82
N SER A 265 6.41 -41.63 10.68
CA SER A 265 7.38 -42.02 11.69
C SER A 265 7.52 -40.94 12.76
N SER A 266 7.81 -39.70 12.35
CA SER A 266 8.11 -38.63 13.27
C SER A 266 6.89 -37.73 13.46
N LYS A 267 6.84 -37.07 14.62
CA LYS A 267 5.77 -36.14 14.94
C LYS A 267 6.37 -34.93 15.63
N LEU A 268 6.16 -33.75 15.07
CA LEU A 268 6.56 -32.50 15.69
C LEU A 268 5.31 -31.74 16.12
N VAL A 269 5.30 -31.26 17.35
CA VAL A 269 4.26 -30.37 17.84
C VAL A 269 4.97 -29.12 18.36
N ILE A 270 4.57 -27.95 17.83
CA ILE A 270 5.30 -26.72 18.05
C ILE A 270 4.30 -25.56 18.08
N ASN A 271 4.67 -24.51 18.81
CA ASN A 271 3.88 -23.28 18.81
C ASN A 271 3.82 -22.71 17.40
N ARG A 272 2.61 -22.42 16.93
CA ARG A 272 2.44 -22.03 15.53
C ARG A 272 3.14 -20.71 15.22
N LYS A 273 2.93 -19.71 16.07
CA LYS A 273 3.52 -18.38 15.83
C LYS A 273 5.05 -18.43 15.86
N ILE A 274 5.61 -19.09 16.89
CA ILE A 274 7.06 -19.20 16.97
C ILE A 274 7.61 -19.90 15.72
N PHE A 275 7.01 -21.02 15.35
CA PHE A 275 7.46 -21.75 14.17
C PHE A 275 7.42 -20.85 12.94
N ALA A 276 6.31 -20.12 12.77
CA ALA A 276 6.16 -19.25 11.61
C ALA A 276 7.14 -18.07 11.69
N ASP A 277 7.20 -17.40 12.84
CA ASP A 277 8.11 -16.27 12.98
C ASP A 277 9.57 -16.69 12.76
N THR A 278 9.96 -17.86 13.30
CA THR A 278 11.34 -18.30 13.14
C THR A 278 11.64 -18.67 11.69
N ILE A 279 10.73 -19.39 11.03
CA ILE A 279 10.93 -19.72 9.61
C ILE A 279 11.08 -18.44 8.79
N GLU A 280 10.28 -17.40 9.10
CA GLU A 280 10.33 -16.20 8.28
C GLU A 280 11.64 -15.45 8.45
N ARG A 281 12.09 -15.28 9.69
CA ARG A 281 13.29 -14.50 9.93
C ARG A 281 14.54 -15.22 9.43
N ILE A 282 14.55 -16.56 9.46
CA ILE A 282 15.69 -17.31 8.95
C ILE A 282 15.72 -17.28 7.43
N ALA A 283 14.56 -17.25 6.78
CA ALA A 283 14.47 -17.30 5.32
C ALA A 283 14.95 -16.03 4.64
N ILE A 284 15.13 -14.94 5.39
CA ILE A 284 15.57 -13.68 4.78
C ILE A 284 16.85 -13.87 3.99
N ILE A 285 17.74 -14.74 4.47
CA ILE A 285 19.06 -14.90 3.85
C ILE A 285 19.00 -15.58 2.50
N THR A 286 17.93 -16.30 2.19
CA THR A 286 17.89 -17.09 0.97
C THR A 286 17.69 -16.21 -0.27
N VAL A 287 18.01 -16.77 -1.43
CA VAL A 287 17.82 -16.12 -2.72
C VAL A 287 16.72 -16.86 -3.48
N GLU A 288 16.21 -16.19 -4.54
CA GLU A 288 15.14 -16.79 -5.33
C GLU A 288 15.56 -18.12 -5.95
N LYS A 289 16.84 -18.25 -6.33
CA LYS A 289 17.30 -19.46 -7.00
C LYS A 289 17.32 -20.69 -6.07
N PHE A 290 17.30 -20.49 -4.75
CA PHE A 290 17.35 -21.63 -3.82
C PHE A 290 16.56 -21.25 -2.56
N ARG A 291 15.24 -21.33 -2.64
CA ARG A 291 14.39 -21.00 -1.49
C ARG A 291 14.15 -22.28 -0.71
N ALA A 292 14.90 -22.44 0.37
CA ALA A 292 14.85 -23.62 1.22
C ALA A 292 15.32 -23.25 2.62
N VAL A 293 14.66 -23.83 3.63
CA VAL A 293 15.18 -23.80 5.00
C VAL A 293 15.30 -25.24 5.46
N LYS A 294 16.28 -25.49 6.33
CA LYS A 294 16.56 -26.81 6.86
C LYS A 294 16.00 -26.91 8.26
N LEU A 295 15.14 -27.91 8.47
CA LEU A 295 14.61 -28.25 9.79
C LEU A 295 15.44 -29.41 10.35
N SER A 296 16.23 -29.14 11.38
CA SER A 296 17.06 -30.16 12.04
C SER A 296 16.37 -30.59 13.33
N LEU A 297 15.70 -31.74 13.28
CA LEU A 297 14.79 -32.16 14.33
C LEU A 297 15.44 -33.21 15.22
N SER A 298 15.34 -33.00 16.53
CA SER A 298 15.71 -33.99 17.53
C SER A 298 14.75 -33.84 18.69
N GLY A 299 14.78 -34.81 19.61
CA GLY A 299 13.94 -34.71 20.79
C GLY A 299 14.20 -33.48 21.62
N GLU A 300 15.45 -33.03 21.66
CA GLU A 300 15.83 -31.92 22.53
C GLU A 300 15.40 -30.57 21.96
N ALA A 301 15.55 -30.38 20.65
CA ALA A 301 15.36 -29.05 20.08
C ALA A 301 15.26 -29.17 18.57
N LEU A 302 14.86 -28.06 17.94
CA LEU A 302 14.83 -27.93 16.48
C LEU A 302 15.76 -26.81 16.07
N GLU A 303 16.58 -27.08 15.07
CA GLU A 303 17.50 -26.09 14.49
C GLU A 303 17.02 -25.76 13.09
N ILE A 304 16.55 -24.53 12.90
CA ILE A 304 16.12 -24.04 11.58
C ILE A 304 17.26 -23.19 11.02
N SER A 305 17.83 -23.61 9.89
CA SER A 305 18.96 -22.92 9.29
C SER A 305 18.70 -22.71 7.80
N ALA A 306 19.52 -21.85 7.19
CA ALA A 306 19.39 -21.55 5.77
C ALA A 306 20.66 -20.88 5.29
N ILE A 307 20.99 -21.14 4.01
CA ILE A 307 22.18 -20.59 3.37
C ILE A 307 21.73 -19.83 2.14
N GLY A 308 22.43 -18.74 1.85
CA GLY A 308 22.19 -17.97 0.64
C GLY A 308 23.49 -17.59 -0.05
N GLU A 309 23.68 -18.07 -1.28
CA GLU A 309 24.94 -17.86 -2.01
C GLU A 309 25.33 -16.40 -2.07
N ALA A 310 26.58 -16.12 -1.71
CA ALA A 310 27.19 -14.79 -1.73
C ALA A 310 26.47 -13.79 -0.80
N ARG A 311 25.70 -14.28 0.17
CA ARG A 311 25.09 -13.41 1.17
C ARG A 311 25.43 -13.83 2.59
N GLY A 312 25.35 -15.11 2.90
CA GLY A 312 25.70 -15.60 4.24
C GLY A 312 24.80 -16.77 4.64
N ASN A 313 24.60 -16.91 5.94
CA ASN A 313 23.83 -18.03 6.49
C ASN A 313 23.13 -17.59 7.77
N ALA A 314 22.23 -18.44 8.27
CA ALA A 314 21.40 -18.11 9.42
C ALA A 314 20.95 -19.37 10.13
N LYS A 315 20.77 -19.27 11.44
CA LYS A 315 20.34 -20.40 12.27
C LYS A 315 19.64 -19.87 13.51
N GLU A 316 18.56 -20.54 13.92
CA GLU A 316 17.91 -20.30 15.21
C GLU A 316 17.46 -21.62 15.83
N VAL A 317 17.55 -21.72 17.15
CA VAL A 317 17.30 -22.96 17.88
C VAL A 317 16.05 -22.80 18.74
N ILE A 318 15.14 -23.77 18.64
CA ILE A 318 13.94 -23.84 19.47
C ILE A 318 14.08 -25.04 20.39
N ASN A 319 14.12 -24.79 21.70
CA ASN A 319 14.38 -25.84 22.67
C ASN A 319 13.08 -26.49 23.16
N SER A 320 13.23 -27.62 23.84
CA SER A 320 12.09 -28.33 24.42
C SER A 320 11.39 -27.47 25.46
N SER A 321 10.06 -27.45 25.39
CA SER A 321 9.25 -26.75 26.36
C SER A 321 7.84 -27.30 26.32
N LYS A 322 7.26 -27.56 27.49
CA LYS A 322 5.87 -27.94 27.61
C LYS A 322 4.97 -26.72 27.79
N GLU A 323 5.55 -25.53 27.89
CA GLU A 323 4.76 -24.31 28.03
C GLU A 323 4.15 -23.91 26.70
N THR A 324 2.90 -23.48 26.74
CA THR A 324 2.15 -23.19 25.51
C THR A 324 2.88 -22.15 24.66
N GLU A 325 3.29 -21.05 25.30
CA GLU A 325 3.90 -19.93 24.58
C GLU A 325 5.11 -20.36 23.75
N ASN A 326 5.86 -21.35 24.21
CA ASN A 326 7.10 -21.77 23.55
C ASN A 326 7.10 -23.27 23.30
N PHE A 327 5.94 -23.84 23.00
CA PHE A 327 5.83 -25.30 22.97
C PHE A 327 6.71 -25.92 21.89
N TYR A 328 7.43 -26.97 22.27
CA TYR A 328 8.15 -27.79 21.31
C TYR A 328 8.24 -29.21 21.85
N GLU A 329 7.77 -30.18 21.05
CA GLU A 329 7.91 -31.58 21.36
C GLU A 329 8.13 -32.33 20.06
N TYR A 330 9.15 -33.17 20.01
CA TYR A 330 9.45 -33.97 18.83
C TYR A 330 9.59 -35.43 19.24
N SER A 331 8.66 -36.26 18.79
CA SER A 331 8.60 -37.69 19.10
C SER A 331 9.01 -38.46 17.85
N GLY A 332 10.30 -38.78 17.76
CA GLY A 332 10.83 -39.45 16.58
C GLY A 332 11.78 -40.59 16.90
N GLU A 333 11.57 -41.72 16.24
CA GLU A 333 12.46 -42.87 16.44
C GLU A 333 13.90 -42.51 16.09
N THR A 334 14.10 -41.82 14.97
CA THR A 334 15.40 -41.30 14.59
C THR A 334 15.34 -39.77 14.51
N ASN A 335 16.50 -39.14 14.53
CA ASN A 335 16.56 -37.71 14.25
C ASN A 335 16.32 -37.50 12.75
N LEU A 336 15.80 -36.33 12.40
CA LEU A 336 15.40 -36.04 11.02
C LEU A 336 15.94 -34.69 10.56
N ASP A 337 16.63 -34.68 9.42
CA ASP A 337 17.13 -33.48 8.78
C ASP A 337 16.44 -33.34 7.43
N ILE A 338 15.55 -32.35 7.31
CA ILE A 338 14.65 -32.25 6.16
C ILE A 338 14.46 -30.78 5.80
N GLY A 339 14.38 -30.49 4.50
CA GLY A 339 14.26 -29.14 4.00
C GLY A 339 12.90 -28.88 3.37
N PHE A 340 12.50 -27.61 3.37
CA PHE A 340 11.24 -27.19 2.78
C PHE A 340 11.39 -25.79 2.22
N ASN A 341 10.63 -25.49 1.18
CA ASN A 341 10.48 -24.12 0.74
C ASN A 341 9.82 -23.32 1.87
N PRO A 342 10.50 -22.32 2.45
CA PRO A 342 9.88 -21.58 3.56
C PRO A 342 8.52 -21.01 3.19
N GLN A 343 8.34 -20.56 1.94
CA GLN A 343 7.07 -19.96 1.53
C GLN A 343 5.92 -20.97 1.65
N TYR A 344 6.19 -22.24 1.34
CA TYR A 344 5.15 -23.26 1.36
C TYR A 344 4.72 -23.63 2.78
N LEU A 345 5.65 -23.57 3.74
CA LEU A 345 5.28 -23.73 5.14
C LEU A 345 4.51 -22.51 5.66
N GLU A 346 4.98 -21.31 5.29
CA GLU A 346 4.35 -20.08 5.75
C GLU A 346 2.90 -19.96 5.30
N ASP A 347 2.61 -20.33 4.05
CA ASP A 347 1.24 -20.28 3.54
C ASP A 347 0.31 -21.10 4.42
N VAL A 348 0.74 -22.31 4.80
CA VAL A 348 -0.10 -23.16 5.65
C VAL A 348 -0.22 -22.57 7.04
N LEU A 349 0.90 -22.13 7.62
CA LEU A 349 0.87 -21.68 9.01
C LEU A 349 0.03 -20.42 9.18
N LYS A 350 -0.06 -19.58 8.13
CA LYS A 350 -0.87 -18.38 8.21
C LYS A 350 -2.31 -18.62 7.81
N ALA A 351 -2.67 -19.84 7.40
CA ALA A 351 -4.01 -20.13 6.92
C ALA A 351 -4.98 -20.43 8.05
N ILE A 352 -4.49 -20.97 9.16
CA ILE A 352 -5.34 -21.37 10.29
C ILE A 352 -4.86 -20.60 11.51
N LYS A 353 -5.77 -19.89 12.16
CA LYS A 353 -5.47 -19.17 13.40
C LYS A 353 -5.59 -20.15 14.55
N SER A 354 -4.46 -20.73 14.95
CA SER A 354 -4.44 -21.79 15.97
C SER A 354 -3.20 -21.60 16.84
N ASP A 355 -3.26 -22.16 18.06
CA ASP A 355 -2.15 -22.03 19.02
C ASP A 355 -0.99 -22.95 18.67
N LEU A 356 -1.28 -24.21 18.39
CA LEU A 356 -0.25 -25.19 18.06
C LEU A 356 -0.48 -25.71 16.65
N VAL A 357 0.52 -26.43 16.16
CA VAL A 357 0.49 -27.04 14.84
C VAL A 357 1.25 -28.35 14.91
N GLU A 358 0.81 -29.34 14.16
CA GLU A 358 1.45 -30.65 14.12
C GLU A 358 1.99 -30.94 12.72
N LEU A 359 3.18 -31.53 12.68
CA LEU A 359 3.80 -31.97 11.44
C LEU A 359 4.17 -33.44 11.58
N TYR A 360 3.85 -34.22 10.55
CA TYR A 360 4.11 -35.66 10.56
C TYR A 360 5.09 -36.00 9.45
N PHE A 361 6.24 -36.56 9.84
CA PHE A 361 7.32 -36.82 8.90
C PHE A 361 7.50 -38.32 8.70
N SER A 362 8.22 -38.66 7.65
CA SER A 362 8.65 -40.03 7.40
C SER A 362 10.07 -40.00 6.87
N SER A 363 10.24 -40.04 5.55
CA SER A 363 11.54 -39.98 4.92
C SER A 363 11.91 -38.54 4.55
N VAL A 364 13.21 -38.34 4.30
CA VAL A 364 13.72 -37.02 3.92
C VAL A 364 13.24 -36.59 2.54
N SER A 365 12.70 -37.52 1.76
CA SER A 365 12.18 -37.21 0.44
C SER A 365 10.66 -37.33 0.38
N ALA A 366 10.05 -37.77 1.44
CA ALA A 366 8.61 -37.90 1.52
C ALA A 366 8.00 -36.62 2.08
N PRO A 367 6.75 -36.33 1.73
CA PRO A 367 6.14 -35.07 2.14
C PRO A 367 5.78 -35.06 3.63
N VAL A 368 5.64 -33.87 4.16
CA VAL A 368 5.14 -33.67 5.51
C VAL A 368 3.63 -33.51 5.46
N LEU A 369 2.95 -34.06 6.47
CA LEU A 369 1.54 -33.83 6.70
C LEU A 369 1.41 -32.81 7.85
N ILE A 370 0.71 -31.71 7.59
CA ILE A 370 0.56 -30.63 8.55
C ILE A 370 -0.90 -30.59 8.99
N LYS A 371 -1.14 -30.63 10.29
CA LYS A 371 -2.48 -30.65 10.82
C LYS A 371 -2.60 -29.63 11.95
N PHE A 372 -3.80 -29.11 12.12
CA PHE A 372 -4.12 -28.20 13.22
C PHE A 372 -5.15 -28.86 14.12
N PRO A 373 -4.77 -29.23 15.35
CA PRO A 373 -5.68 -30.00 16.22
C PRO A 373 -7.01 -29.32 16.46
N GLU A 374 -7.09 -28.00 16.25
CA GLU A 374 -8.36 -27.28 16.32
C GLU A 374 -9.21 -27.44 15.06
N SER A 375 -8.58 -27.66 13.90
CA SER A 375 -9.27 -27.71 12.61
C SER A 375 -9.02 -29.07 11.96
N PRO A 376 -9.73 -30.11 12.38
CA PRO A 376 -9.46 -31.45 11.85
C PRO A 376 -9.93 -31.63 10.40
N LYS A 377 -10.69 -30.70 9.85
CA LYS A 377 -11.15 -30.80 8.48
C LYS A 377 -10.20 -30.12 7.49
N ASP A 378 -9.05 -29.64 7.96
CA ASP A 378 -8.08 -28.98 7.11
C ASP A 378 -6.82 -29.83 7.04
N ILE A 379 -6.45 -30.24 5.82
CA ILE A 379 -5.37 -31.19 5.56
C ILE A 379 -4.35 -30.51 4.65
N PHE A 380 -3.07 -30.59 5.00
CA PHE A 380 -2.04 -29.94 4.21
C PHE A 380 -0.85 -30.87 4.04
N VAL A 381 -0.35 -31.00 2.81
CA VAL A 381 0.81 -31.83 2.51
C VAL A 381 1.81 -30.99 1.74
N VAL A 382 3.07 -31.02 2.16
CA VAL A 382 4.12 -30.25 1.50
C VAL A 382 5.30 -31.18 1.19
N MET A 383 5.71 -31.20 -0.08
CA MET A 383 6.91 -31.92 -0.48
C MET A 383 8.15 -31.22 0.06
N PRO A 384 9.21 -31.98 0.39
CA PRO A 384 10.44 -31.35 0.89
C PRO A 384 11.39 -31.00 -0.24
N VAL A 385 12.53 -30.39 0.08
CA VAL A 385 13.55 -30.07 -0.91
C VAL A 385 14.91 -30.50 -0.39
N LYS A 386 15.81 -30.83 -1.31
CA LYS A 386 17.15 -31.25 -0.93
C LYS A 386 17.93 -30.07 -0.38
N VAL A 387 18.49 -30.23 0.81
CA VAL A 387 19.27 -29.17 1.44
C VAL A 387 20.60 -29.68 1.99
N HIS B 6 48.77 -9.54 12.99
CA HIS B 6 47.54 -10.07 13.57
C HIS B 6 46.31 -9.73 12.71
N HIS B 7 45.48 -8.81 13.19
CA HIS B 7 44.27 -8.36 12.50
C HIS B 7 43.60 -7.22 13.27
N HIS B 8 42.30 -6.98 13.00
CA HIS B 8 41.53 -6.00 13.77
C HIS B 8 40.03 -6.17 13.53
N MET B 9 39.30 -6.61 14.56
CA MET B 9 37.93 -7.04 14.42
C MET B 9 36.95 -6.18 15.21
N LEU B 10 35.79 -5.91 14.60
CA LEU B 10 34.76 -5.05 15.17
C LEU B 10 33.87 -5.88 16.12
N LYS B 11 33.49 -5.30 17.25
CA LYS B 11 32.51 -5.94 18.13
C LYS B 11 31.77 -4.90 18.96
N VAL B 12 30.43 -4.91 18.88
CA VAL B 12 29.60 -3.97 19.62
C VAL B 12 28.31 -4.65 20.08
N ILE B 13 27.73 -4.14 21.17
CA ILE B 13 26.44 -4.60 21.67
C ILE B 13 25.48 -3.41 21.66
N VAL B 14 24.36 -3.54 20.96
CA VAL B 14 23.52 -2.41 20.59
C VAL B 14 22.06 -2.70 20.92
N GLU B 15 21.34 -1.66 21.34
CA GLU B 15 19.92 -1.76 21.60
C GLU B 15 19.15 -1.86 20.27
N THR B 16 18.41 -2.95 20.10
CA THR B 16 17.85 -3.30 18.80
C THR B 16 17.05 -2.14 18.19
N LYS B 17 16.22 -1.48 19.00
CA LYS B 17 15.37 -0.41 18.47
C LYS B 17 16.21 0.75 17.92
N THR B 18 17.36 1.03 18.53
CA THR B 18 18.16 2.17 18.07
C THR B 18 18.91 1.87 16.79
N LEU B 19 19.28 0.60 16.57
CA LEU B 19 19.86 0.22 15.29
C LEU B 19 18.81 0.19 14.19
N VAL B 20 17.56 -0.16 14.54
CA VAL B 20 16.49 -0.21 13.54
C VAL B 20 16.22 1.19 12.99
N GLN B 21 16.09 2.17 13.89
CA GLN B 21 15.84 3.54 13.48
C GLN B 21 16.92 4.02 12.50
N ALA B 22 18.19 3.83 12.88
CA ALA B 22 19.29 4.31 12.04
C ALA B 22 19.31 3.58 10.71
N LEU B 23 19.09 2.26 10.73
CA LEU B 23 19.09 1.50 9.49
C LEU B 23 17.95 1.93 8.57
N GLY B 24 16.87 2.46 9.13
CA GLY B 24 15.82 2.99 8.28
C GLY B 24 16.27 4.21 7.50
N PHE B 25 17.07 5.07 8.13
CA PHE B 25 17.60 6.22 7.41
C PHE B 25 18.62 5.78 6.36
N ALA B 26 19.43 4.77 6.68
CA ALA B 26 20.40 4.28 5.72
C ALA B 26 19.73 3.60 4.54
N SER B 27 18.57 2.97 4.78
CA SER B 27 17.86 2.28 3.71
C SER B 27 17.33 3.26 2.67
N SER B 28 16.71 4.35 3.12
CA SER B 28 16.18 5.34 2.19
C SER B 28 17.27 6.01 1.38
N VAL B 29 18.51 6.06 1.89
CA VAL B 29 19.59 6.69 1.14
C VAL B 29 19.96 5.86 -0.07
N VAL B 30 20.13 4.54 0.12
CA VAL B 30 20.64 3.68 -0.95
C VAL B 30 19.54 3.22 -1.91
N GLU B 31 18.31 3.69 -1.74
CA GLU B 31 17.24 3.41 -2.69
C GLU B 31 16.76 4.71 -3.35
N ALA B 40 26.16 -0.36 -2.98
CA ALA B 40 25.21 0.26 -2.08
C ALA B 40 25.22 -0.39 -0.69
N ASN B 41 26.41 -0.48 -0.09
CA ASN B 41 26.59 -1.07 1.22
C ASN B 41 26.64 0.00 2.30
N ILE B 42 26.54 -0.43 3.55
CA ILE B 42 26.67 0.47 4.70
C ILE B 42 27.94 0.12 5.46
N LYS B 43 28.66 1.14 5.91
CA LYS B 43 29.93 0.97 6.62
C LYS B 43 29.72 1.23 8.10
N LEU B 44 30.28 0.34 8.93
CA LEU B 44 30.10 0.37 10.37
C LEU B 44 31.44 0.68 11.02
N LEU B 45 31.49 1.74 11.83
CA LEU B 45 32.71 2.14 12.53
C LEU B 45 32.42 2.21 14.02
N ALA B 46 32.95 1.25 14.77
CA ALA B 46 32.84 1.24 16.22
C ALA B 46 34.08 1.89 16.81
N LYS B 47 33.89 2.96 17.57
CA LYS B 47 34.99 3.72 18.15
C LYS B 47 34.45 4.66 19.22
N ASP B 48 35.16 4.72 20.34
CA ASP B 48 34.90 5.72 21.39
C ASP B 48 33.47 5.62 21.90
N GLY B 49 33.03 4.39 22.16
CA GLY B 49 31.70 4.14 22.70
C GLY B 49 30.55 4.47 21.77
N LEU B 50 30.82 4.74 20.49
CA LEU B 50 29.79 5.11 19.53
C LEU B 50 29.90 4.25 18.28
N LEU B 51 28.75 3.99 17.66
CA LEU B 51 28.67 3.29 16.38
C LEU B 51 28.37 4.31 15.28
N GLU B 52 29.33 4.49 14.38
CA GLU B 52 29.13 5.36 13.22
C GLU B 52 28.69 4.51 12.03
N LEU B 53 27.53 4.84 11.47
CA LEU B 53 27.00 4.21 10.27
C LEU B 53 27.00 5.24 9.15
N SER B 54 27.54 4.86 7.99
CA SER B 54 27.68 5.76 6.86
C SER B 54 26.97 5.18 5.64
N SER B 55 26.19 6.02 4.95
CA SER B 55 25.48 5.66 3.73
C SER B 55 25.64 6.79 2.72
N THR B 56 25.62 6.44 1.43
CA THR B 56 25.83 7.43 0.38
C THR B 56 25.00 7.09 -0.84
N ASN B 57 24.65 8.13 -1.61
CA ASN B 57 24.20 7.96 -2.98
C ASN B 57 24.98 8.95 -3.85
N MET B 58 24.42 9.36 -4.98
CA MET B 58 25.14 10.28 -5.85
C MET B 58 25.02 11.73 -5.40
N ASP B 59 24.02 12.06 -4.58
CA ASP B 59 23.82 13.43 -4.14
C ASP B 59 24.13 13.69 -2.67
N LEU B 60 24.26 12.66 -1.83
CA LEU B 60 24.33 12.92 -0.40
C LEU B 60 25.15 11.87 0.32
N TYR B 61 25.65 12.26 1.49
CA TYR B 61 26.45 11.40 2.35
C TYR B 61 25.85 11.50 3.74
N LEU B 62 25.47 10.37 4.32
CA LEU B 62 24.81 10.34 5.62
C LEU B 62 25.64 9.59 6.64
N SER B 63 25.89 10.24 7.78
CA SER B 63 26.63 9.64 8.89
C SER B 63 25.79 9.79 10.15
N GLN B 64 25.45 8.67 10.78
CA GLN B 64 24.77 8.65 12.05
C GLN B 64 25.61 7.91 13.07
N LYS B 65 25.72 8.49 14.27
CA LYS B 65 26.43 7.88 15.38
C LYS B 65 25.42 7.55 16.46
N ILE B 66 25.36 6.30 16.89
CA ILE B 66 24.42 5.88 17.91
C ILE B 66 25.19 5.35 19.12
N GLY B 67 24.62 5.53 20.29
CA GLY B 67 25.28 5.07 21.52
C GLY B 67 25.25 3.56 21.59
N VAL B 68 26.42 2.96 21.80
CA VAL B 68 26.55 1.52 21.85
C VAL B 68 27.54 1.14 22.95
N GLN B 69 27.51 -0.13 23.34
CA GLN B 69 28.56 -0.71 24.15
C GLN B 69 29.60 -1.30 23.21
N VAL B 70 30.78 -0.68 23.16
CA VAL B 70 31.85 -1.11 22.26
C VAL B 70 32.75 -2.09 23.00
N VAL B 71 32.81 -3.33 22.51
CA VAL B 71 33.68 -4.35 23.09
C VAL B 71 35.07 -4.31 22.46
N SER B 72 35.13 -4.20 21.14
CA SER B 72 36.41 -4.16 20.43
C SER B 72 36.22 -3.28 19.21
N GLU B 73 37.05 -2.26 19.08
CA GLU B 73 36.94 -1.31 17.98
C GLU B 73 37.26 -1.99 16.65
N GLY B 74 36.74 -1.41 15.57
CA GLY B 74 36.90 -2.01 14.26
C GLY B 74 36.02 -1.34 13.23
N GLU B 75 36.08 -1.87 12.02
CA GLU B 75 35.42 -1.27 10.88
C GLU B 75 35.11 -2.36 9.86
N LEU B 76 33.97 -2.19 9.18
CA LEU B 76 33.51 -3.12 8.16
C LEU B 76 32.47 -2.43 7.29
N THR B 77 32.22 -3.03 6.14
CA THR B 77 31.08 -2.66 5.29
C THR B 77 30.23 -3.91 5.05
N VAL B 78 28.93 -3.70 4.93
CA VAL B 78 27.99 -4.81 4.80
C VAL B 78 26.77 -4.33 4.02
N SER B 79 26.10 -5.26 3.36
CA SER B 79 24.89 -4.97 2.60
C SER B 79 23.87 -4.24 3.46
N THR B 80 23.48 -3.03 3.03
CA THR B 80 22.49 -2.25 3.76
C THR B 80 21.17 -3.00 3.86
N LYS B 81 20.64 -3.48 2.73
CA LYS B 81 19.33 -4.11 2.74
C LYS B 81 19.32 -5.39 3.57
N THR B 82 20.35 -6.23 3.42
CA THR B 82 20.40 -7.48 4.16
C THR B 82 20.49 -7.24 5.67
N LEU B 83 21.31 -6.28 6.10
CA LEU B 83 21.38 -5.97 7.52
C LEU B 83 20.05 -5.40 8.02
N ASN B 84 19.46 -4.47 7.27
CA ASN B 84 18.20 -3.87 7.70
C ASN B 84 17.08 -4.89 7.77
N ASP B 85 16.98 -5.76 6.76
CA ASP B 85 15.88 -6.72 6.72
C ASP B 85 15.98 -7.75 7.84
N ILE B 86 17.20 -8.14 8.23
CA ILE B 86 17.34 -9.12 9.31
C ILE B 86 17.08 -8.47 10.66
N VAL B 87 17.61 -7.26 10.87
CA VAL B 87 17.52 -6.65 12.20
C VAL B 87 16.08 -6.26 12.53
N LYS B 88 15.33 -5.74 11.56
CA LYS B 88 13.97 -5.34 11.91
C LYS B 88 13.01 -6.53 12.12
N LYS B 89 13.51 -7.77 12.11
CA LYS B 89 12.72 -8.94 12.46
C LYS B 89 13.25 -9.63 13.72
N LEU B 90 14.23 -9.04 14.37
CA LEU B 90 14.71 -9.67 15.59
C LEU B 90 13.97 -9.10 16.80
N PRO B 91 13.40 -9.96 17.65
CA PRO B 91 12.60 -9.45 18.77
C PRO B 91 13.42 -9.08 19.99
N ASP B 92 14.67 -9.52 20.05
CA ASP B 92 15.51 -9.27 21.22
C ASP B 92 15.67 -7.78 21.46
N SER B 93 15.88 -7.44 22.73
CA SER B 93 16.10 -6.04 23.09
C SER B 93 17.49 -5.57 22.66
N GLU B 94 18.48 -6.46 22.70
CA GLU B 94 19.83 -6.11 22.31
C GLU B 94 20.41 -7.20 21.42
N LEU B 95 21.35 -6.81 20.56
CA LEU B 95 22.12 -7.74 19.74
C LEU B 95 23.60 -7.41 19.85
N THR B 96 24.43 -8.39 19.48
CA THR B 96 25.88 -8.21 19.44
C THR B 96 26.36 -8.49 18.02
N LEU B 97 27.01 -7.48 17.41
CA LEU B 97 27.61 -7.62 16.09
C LEU B 97 29.11 -7.87 16.22
N THR B 98 29.61 -8.88 15.50
CA THR B 98 31.01 -9.28 15.59
C THR B 98 31.58 -9.56 14.22
N ASP B 99 32.75 -8.97 13.93
CA ASP B 99 33.45 -9.18 12.67
C ASP B 99 34.39 -10.37 12.80
N LEU B 100 34.13 -11.43 12.03
CA LEU B 100 34.97 -12.62 12.03
C LEU B 100 35.82 -12.74 10.76
N GLY B 101 36.08 -11.62 10.10
CA GLY B 101 36.88 -11.66 8.89
C GLY B 101 36.19 -12.40 7.76
N THR B 102 36.79 -13.53 7.35
CA THR B 102 36.28 -14.29 6.22
C THR B 102 34.82 -14.72 6.43
N THR B 103 34.44 -15.03 7.67
CA THR B 103 33.04 -15.36 7.96
C THR B 103 32.12 -14.19 7.63
N GLY B 104 32.54 -12.98 7.98
CA GLY B 104 31.74 -11.79 7.81
C GLY B 104 31.17 -11.30 9.12
N LEU B 105 30.22 -10.38 9.02
CA LEU B 105 29.59 -9.83 10.21
C LEU B 105 28.60 -10.84 10.78
N GLU B 106 28.79 -11.21 12.04
CA GLU B 106 27.90 -12.13 12.75
C GLU B 106 26.97 -11.32 13.65
N ILE B 107 25.67 -11.56 13.52
CA ILE B 107 24.67 -10.94 14.38
C ILE B 107 24.08 -12.02 15.26
N THR B 108 24.04 -11.77 16.57
CA THR B 108 23.52 -12.76 17.51
C THR B 108 22.45 -12.12 18.39
N GLY B 109 21.37 -12.88 18.57
CA GLY B 109 20.32 -12.60 19.53
C GLY B 109 20.26 -13.72 20.55
N LYS B 110 19.15 -13.82 21.29
CA LYS B 110 19.05 -14.78 22.38
C LYS B 110 19.25 -16.22 21.91
N ASN B 111 18.70 -16.58 20.75
CA ASN B 111 18.90 -17.93 20.25
C ASN B 111 19.16 -17.97 18.75
N CYS B 112 19.61 -16.88 18.14
CA CYS B 112 19.86 -16.83 16.72
C CYS B 112 21.25 -16.30 16.41
N ARG B 113 21.78 -16.72 15.28
CA ARG B 113 23.08 -16.27 14.79
C ARG B 113 22.98 -16.11 13.28
N PHE B 114 23.30 -14.92 12.79
CA PHE B 114 23.30 -14.60 11.37
C PHE B 114 24.71 -14.19 10.95
N ASN B 115 25.16 -14.69 9.80
CA ASN B 115 26.45 -14.34 9.24
C ASN B 115 26.27 -13.66 7.89
N LEU B 116 26.87 -12.47 7.73
CA LEU B 116 26.79 -11.69 6.50
C LEU B 116 28.19 -11.42 5.97
N PHE B 117 28.43 -11.77 4.72
CA PHE B 117 29.70 -11.48 4.08
C PHE B 117 29.96 -9.98 4.05
N THR B 118 31.24 -9.62 4.16
CA THR B 118 31.68 -8.24 4.23
C THR B 118 32.29 -7.85 2.88
N LEU B 119 32.38 -6.55 2.64
CA LEU B 119 33.04 -5.98 1.49
C LEU B 119 34.22 -5.12 1.98
N PRO B 120 35.29 -5.02 1.18
CA PRO B 120 36.46 -4.27 1.63
C PRO B 120 36.12 -2.84 2.05
N VAL B 121 36.69 -2.42 3.17
CA VAL B 121 36.43 -1.07 3.67
C VAL B 121 37.21 -0.03 2.89
N GLU B 122 38.31 -0.43 2.25
CA GLU B 122 39.14 0.51 1.50
C GLU B 122 38.36 1.15 0.37
N SER B 123 37.46 0.40 -0.27
CA SER B 123 36.71 0.88 -1.42
C SER B 123 35.55 1.81 -1.05
N PHE B 124 35.26 1.97 0.24
CA PHE B 124 34.16 2.81 0.69
C PHE B 124 34.56 4.29 0.66
N PRO B 125 33.66 5.17 0.20
CA PRO B 125 34.01 6.59 0.05
C PRO B 125 34.01 7.33 1.38
N VAL B 126 34.86 8.36 1.46
CA VAL B 126 34.89 9.24 2.62
C VAL B 126 34.05 10.46 2.34
N MET B 127 33.51 11.05 3.41
CA MET B 127 32.74 12.28 3.27
C MET B 127 33.65 13.41 2.80
N ASP B 128 33.13 14.25 1.92
CA ASP B 128 33.87 15.43 1.48
C ASP B 128 33.97 16.45 2.61
N ASN B 129 34.92 17.37 2.46
CA ASN B 129 35.01 18.47 3.40
C ASN B 129 34.20 19.65 2.86
N ILE B 130 33.78 20.51 3.78
CA ILE B 130 33.07 21.74 3.43
C ILE B 130 33.76 22.92 4.10
N ASN B 131 33.95 23.99 3.33
CA ASN B 131 34.46 25.25 3.85
C ASN B 131 33.29 26.22 3.87
N PRO B 132 32.52 26.27 4.95
CA PRO B 132 31.22 26.96 4.93
C PRO B 132 31.37 28.47 4.80
N GLU B 133 30.48 29.06 3.99
CA GLU B 133 30.32 30.51 3.86
C GLU B 133 29.16 31.08 4.67
N ALA B 134 28.24 30.24 5.15
CA ALA B 134 27.10 30.72 5.93
C ALA B 134 26.82 29.61 6.94
N SER B 135 26.56 29.96 8.20
CA SER B 135 26.26 28.89 9.15
C SER B 135 25.23 29.40 10.13
N PHE B 136 24.23 28.56 10.45
CA PHE B 136 23.08 28.98 11.26
C PHE B 136 22.29 27.80 11.78
N LYS B 137 21.49 28.06 12.80
CA LYS B 137 20.65 27.05 13.45
C LYS B 137 19.17 27.47 13.48
N ILE B 138 18.27 26.54 13.14
CA ILE B 138 16.82 26.68 13.34
C ILE B 138 16.28 25.39 13.92
N SER B 139 15.00 25.40 14.28
CA SER B 139 14.37 24.21 14.84
C SER B 139 14.01 23.24 13.73
N CYS B 140 13.98 21.95 14.08
CA CYS B 140 13.68 20.92 13.10
C CYS B 140 12.26 21.08 12.58
N ALA B 141 11.32 21.49 13.44
CA ALA B 141 9.96 21.74 13.00
C ALA B 141 9.91 22.91 12.02
N GLU B 142 10.73 23.94 12.26
CA GLU B 142 10.77 25.09 11.36
C GLU B 142 11.30 24.69 9.99
N PHE B 143 12.30 23.79 9.97
CA PHE B 143 12.86 23.37 8.69
C PHE B 143 11.92 22.42 7.94
N ALA B 144 11.28 21.51 8.68
CA ALA B 144 10.31 20.61 8.05
C ALA B 144 9.19 21.39 7.39
N LYS B 145 8.76 22.49 8.04
CA LYS B 145 7.67 23.29 7.50
C LYS B 145 8.05 23.90 6.16
N ILE B 146 9.23 24.54 6.08
CA ILE B 146 9.59 25.22 4.85
C ILE B 146 9.82 24.23 3.71
N ILE B 147 10.21 23.00 4.03
CA ILE B 147 10.40 22.00 2.98
C ILE B 147 9.07 21.46 2.50
N GLU B 148 8.17 21.14 3.43
CA GLU B 148 6.87 20.62 3.06
C GLU B 148 6.05 21.67 2.30
N SER B 149 6.28 22.95 2.58
CA SER B 149 5.60 24.01 1.86
C SER B 149 6.13 24.22 0.45
N THR B 150 7.29 23.65 0.10
CA THR B 150 7.91 23.92 -1.20
C THR B 150 8.29 22.68 -2.00
N LYS B 151 8.27 21.49 -1.41
CA LYS B 151 8.84 20.32 -2.08
C LYS B 151 8.01 19.88 -3.29
N PHE B 152 6.71 20.17 -3.30
CA PHE B 152 5.82 19.64 -4.32
C PHE B 152 5.83 20.43 -5.63
N SER B 153 6.38 21.63 -5.66
CA SER B 153 6.31 22.47 -6.86
C SER B 153 7.69 22.67 -7.50
N VAL B 154 8.58 21.70 -7.31
CA VAL B 154 9.85 21.67 -8.03
C VAL B 154 9.62 21.22 -9.46
N SER B 155 10.40 21.77 -10.39
CA SER B 155 10.30 21.37 -11.79
C SER B 155 10.79 19.93 -11.96
N LEU B 156 10.18 19.22 -12.92
CA LEU B 156 10.62 17.87 -13.23
C LEU B 156 11.33 17.77 -14.57
N ASP B 157 11.57 18.89 -15.24
CA ASP B 157 12.48 18.93 -16.39
C ASP B 157 13.90 18.84 -15.88
N GLU B 158 14.54 17.68 -16.07
CA GLU B 158 15.85 17.43 -15.47
C GLU B 158 16.95 18.34 -16.02
N THR B 159 16.75 18.92 -17.21
CA THR B 159 17.74 19.80 -17.83
C THR B 159 17.56 21.27 -17.48
N ARG B 160 16.44 21.62 -16.83
CA ARG B 160 16.18 23.00 -16.41
C ARG B 160 16.73 23.24 -15.00
N TYR B 161 18.06 23.35 -14.94
CA TYR B 161 18.76 23.29 -13.67
C TYR B 161 18.37 24.40 -12.71
N ASN B 162 18.07 25.60 -13.22
CA ASN B 162 17.76 26.69 -12.32
C ASN B 162 16.45 26.47 -11.57
N LEU B 163 15.61 25.49 -11.97
CA LEU B 163 14.36 25.22 -11.27
C LEU B 163 14.13 23.83 -10.73
N ASN B 164 15.00 22.84 -10.94
CA ASN B 164 14.53 21.56 -10.39
C ASN B 164 15.18 21.19 -9.06
N GLY B 165 15.40 22.19 -8.21
CA GLY B 165 15.71 21.92 -6.84
C GLY B 165 14.91 22.88 -5.98
N ILE B 166 15.21 22.94 -4.69
CA ILE B 166 14.56 23.87 -3.79
C ILE B 166 15.55 24.98 -3.50
N TYR B 167 15.18 26.21 -3.83
CA TYR B 167 16.01 27.37 -3.53
C TYR B 167 15.99 27.60 -2.02
N LEU B 168 17.13 27.42 -1.38
CA LEU B 168 17.33 27.74 0.03
C LEU B 168 18.26 28.93 0.08
N HIS B 169 17.79 30.03 0.66
CA HIS B 169 18.56 31.26 0.67
C HIS B 169 18.19 32.10 1.88
N VAL B 170 19.16 32.90 2.33
CA VAL B 170 18.97 33.86 3.41
C VAL B 170 19.08 35.25 2.82
N LYS B 171 18.06 36.08 3.09
CA LYS B 171 18.06 37.48 2.69
C LYS B 171 17.60 38.31 3.87
N ASP B 172 18.48 39.19 4.34
CA ASP B 172 18.21 40.10 5.47
C ASP B 172 17.87 39.32 6.74
N SER B 173 18.67 38.29 7.05
CA SER B 173 18.58 37.54 8.30
C SER B 173 17.35 36.62 8.35
N GLU B 174 16.69 36.41 7.20
CA GLU B 174 15.52 35.54 7.15
C GLU B 174 15.78 34.42 6.15
N PHE B 175 15.52 33.19 6.56
CA PHE B 175 15.83 32.00 5.78
C PHE B 175 14.60 31.56 4.98
N TYR B 176 14.73 31.53 3.65
CA TYR B 176 13.63 31.22 2.75
C TYR B 176 13.89 29.90 2.01
N ALA B 177 12.83 29.12 1.82
CA ALA B 177 12.78 28.08 0.79
C ALA B 177 11.80 28.51 -0.28
N ALA B 178 12.16 28.26 -1.54
CA ALA B 178 11.26 28.59 -2.63
C ALA B 178 11.43 27.59 -3.76
N SER B 179 10.34 27.35 -4.49
CA SER B 179 10.36 26.44 -5.62
C SER B 179 9.35 26.88 -6.66
N THR B 180 9.66 26.59 -7.93
CA THR B 180 8.72 26.85 -9.00
C THR B 180 8.94 25.84 -10.12
N ASP B 181 7.87 25.63 -10.89
CA ASP B 181 7.92 24.76 -12.06
C ASP B 181 7.44 25.51 -13.30
N GLY B 182 7.38 26.85 -13.23
CA GLY B 182 6.83 27.63 -14.33
C GLY B 182 5.33 27.78 -14.30
N HIS B 183 4.63 27.00 -13.48
CA HIS B 183 3.17 27.06 -13.36
C HIS B 183 2.70 27.55 -12.01
N ARG B 184 3.53 27.38 -10.99
CA ARG B 184 3.21 27.84 -9.65
C ARG B 184 4.51 28.19 -8.95
N LEU B 185 4.38 28.92 -7.85
CA LEU B 185 5.50 29.27 -7.00
C LEU B 185 5.09 29.01 -5.55
N SER B 186 6.01 28.48 -4.75
CA SER B 186 5.78 28.25 -3.33
C SER B 186 6.96 28.79 -2.52
N VAL B 187 6.67 29.54 -1.46
CA VAL B 187 7.72 30.12 -0.64
C VAL B 187 7.37 29.93 0.84
N SER B 188 8.39 29.66 1.64
CA SER B 188 8.23 29.57 3.08
C SER B 188 9.53 29.98 3.75
N SER B 189 9.42 30.73 4.85
CA SER B 189 10.57 31.34 5.49
C SER B 189 10.41 31.37 7.01
N VAL B 190 11.54 31.49 7.70
CA VAL B 190 11.58 31.68 9.14
C VAL B 190 12.63 32.73 9.47
N VAL B 191 12.33 33.60 10.42
CA VAL B 191 13.28 34.66 10.81
C VAL B 191 14.40 34.03 11.62
N LEU B 192 15.64 34.34 11.25
CA LEU B 192 16.78 33.78 11.95
C LEU B 192 17.09 34.57 13.23
N ALA B 193 17.66 33.87 14.21
CA ALA B 193 17.97 34.47 15.50
C ALA B 193 19.33 35.16 15.52
N GLU B 194 20.31 34.66 14.77
CA GLU B 194 21.62 35.29 14.68
C GLU B 194 21.75 35.98 13.33
N LYS B 195 22.42 37.14 13.34
CA LYS B 195 22.67 37.87 12.11
C LYS B 195 23.56 37.07 11.17
N ILE B 196 23.19 37.02 9.89
CA ILE B 196 23.95 36.27 8.90
C ILE B 196 23.86 37.01 7.57
N GLU B 197 24.94 36.92 6.78
CA GLU B 197 24.97 37.55 5.48
C GLU B 197 24.18 36.70 4.48
N ASP B 198 23.88 37.31 3.33
CA ASP B 198 23.06 36.65 2.32
C ASP B 198 23.83 35.53 1.61
N PHE B 199 23.12 34.45 1.25
CA PHE B 199 23.68 33.34 0.50
C PHE B 199 22.54 32.43 0.04
N GLY B 200 22.71 31.86 -1.14
CA GLY B 200 21.69 31.01 -1.72
C GLY B 200 22.28 29.81 -2.42
N VAL B 201 21.52 28.71 -2.38
CA VAL B 201 21.90 27.44 -2.99
C VAL B 201 20.64 26.73 -3.48
N ILE B 202 20.83 25.77 -4.38
CA ILE B 202 19.73 24.93 -4.86
C ILE B 202 19.93 23.52 -4.36
N LEU B 203 19.01 23.08 -3.53
CA LEU B 203 19.05 21.75 -2.94
C LEU B 203 18.41 20.73 -3.89
N PRO B 204 19.10 19.64 -4.20
CA PRO B 204 18.46 18.57 -4.98
C PRO B 204 17.21 18.04 -4.28
N GLN B 205 16.21 17.69 -5.11
CA GLN B 205 14.94 17.20 -4.59
C GLN B 205 15.13 15.96 -3.72
N LYS B 206 15.98 15.03 -4.15
CA LYS B 206 16.21 13.81 -3.37
C LYS B 206 16.85 14.13 -2.02
N SER B 207 17.73 15.13 -1.97
CA SER B 207 18.33 15.50 -0.69
C SER B 207 17.30 16.19 0.21
N ALA B 208 16.40 16.96 -0.39
CA ALA B 208 15.33 17.57 0.39
C ALA B 208 14.46 16.50 1.02
N GLU B 209 14.12 15.45 0.27
CA GLU B 209 13.26 14.39 0.80
C GLU B 209 13.95 13.62 1.92
N GLU B 210 15.26 13.40 1.80
CA GLU B 210 15.98 12.62 2.80
C GLU B 210 16.12 13.39 4.12
N ILE B 211 16.54 14.66 4.05
CA ILE B 211 16.68 15.45 5.28
C ILE B 211 15.32 15.66 5.93
N LEU B 212 14.25 15.70 5.13
CA LEU B 212 12.91 15.86 5.71
C LEU B 212 12.51 14.66 6.55
N LYS B 213 12.76 13.44 6.05
CA LYS B 213 12.51 12.25 6.86
C LYS B 213 13.31 12.29 8.15
N ILE B 214 14.54 12.84 8.11
CA ILE B 214 15.39 12.85 9.30
C ILE B 214 14.85 13.82 10.34
N VAL B 215 14.48 15.02 9.93
CA VAL B 215 14.02 16.02 10.90
C VAL B 215 12.60 15.74 11.39
N LYS B 216 11.81 14.96 10.65
CA LYS B 216 10.46 14.63 11.08
C LYS B 216 10.42 13.46 12.05
N ASP B 217 11.48 12.68 12.13
CA ASP B 217 11.52 11.50 12.99
C ASP B 217 11.31 11.89 14.46
N SER B 218 10.64 11.01 15.20
CA SER B 218 10.25 11.35 16.57
C SER B 218 11.46 11.63 17.45
N LYS B 219 12.60 11.03 17.14
CA LYS B 219 13.80 11.31 17.92
C LYS B 219 14.23 12.76 17.78
N ASN B 220 14.25 13.27 16.55
CA ASN B 220 14.78 14.59 16.25
C ASN B 220 13.72 15.68 16.09
N ALA B 221 12.45 15.32 15.92
CA ALA B 221 11.40 16.31 15.68
C ALA B 221 11.40 17.46 16.68
N ASN B 222 11.74 17.18 17.93
CA ASN B 222 11.73 18.20 18.96
C ASN B 222 13.03 19.01 19.01
N ALA B 223 14.07 18.57 18.30
CA ALA B 223 15.42 19.12 18.40
C ALA B 223 15.67 20.22 17.38
N ASP B 224 16.94 20.61 17.28
CA ASP B 224 17.44 21.68 16.41
C ASP B 224 18.27 21.08 15.27
N ILE B 225 18.37 21.85 14.19
CA ILE B 225 19.17 21.47 13.02
C ILE B 225 20.11 22.62 12.69
N GLU B 226 21.39 22.31 12.48
CA GLU B 226 22.35 23.30 12.03
C GLU B 226 22.57 23.13 10.53
N ILE B 227 22.48 24.24 9.80
CA ILE B 227 22.58 24.24 8.34
C ILE B 227 23.82 25.03 7.97
N LEU B 228 24.75 24.37 7.26
CA LEU B 228 25.99 25.00 6.83
C LEU B 228 25.97 25.11 5.31
N LEU B 229 26.14 26.31 4.79
CA LEU B 229 26.07 26.57 3.36
C LEU B 229 27.47 26.83 2.82
N SER B 230 27.81 26.17 1.72
CA SER B 230 28.98 26.50 0.92
C SER B 230 28.52 26.67 -0.53
N SER B 231 29.48 26.96 -1.42
CA SER B 231 29.10 27.18 -2.80
C SER B 231 28.92 25.89 -3.60
N ASN B 232 29.50 24.78 -3.16
CA ASN B 232 29.36 23.51 -3.85
C ASN B 232 28.76 22.39 -3.00
N LYS B 233 28.54 22.62 -1.71
CA LYS B 233 28.02 21.58 -0.83
C LYS B 233 27.18 22.25 0.26
N ILE B 234 26.23 21.50 0.80
CA ILE B 234 25.47 21.91 1.98
C ILE B 234 25.51 20.81 3.01
N LYS B 235 25.62 21.18 4.29
CA LYS B 235 25.74 20.20 5.36
C LYS B 235 24.66 20.45 6.41
N PHE B 236 23.96 19.38 6.78
CA PHE B 236 22.95 19.42 7.81
C PHE B 236 23.46 18.69 9.04
N ILE B 237 23.32 19.33 10.19
CA ILE B 237 23.69 18.76 11.47
C ILE B 237 22.42 18.67 12.27
N CYS B 238 21.78 17.51 12.27
CA CYS B 238 20.48 17.34 12.88
C CYS B 238 20.67 16.72 14.26
N ASN B 239 20.32 17.49 15.29
CA ASN B 239 20.38 17.02 16.67
C ASN B 239 21.77 16.51 17.04
N GLU B 240 22.81 17.19 16.54
CA GLU B 240 24.21 16.89 16.86
C GLU B 240 24.63 15.52 16.34
N ASN B 241 23.67 14.60 16.35
CA ASN B 241 23.87 13.17 16.15
C ASN B 241 23.85 12.73 14.69
N VAL B 242 23.12 13.45 13.84
CA VAL B 242 22.94 13.05 12.45
C VAL B 242 23.54 14.14 11.56
N ILE B 243 24.48 13.74 10.70
CA ILE B 243 25.18 14.65 9.82
C ILE B 243 24.92 14.22 8.39
N MET B 244 24.44 15.16 7.57
CA MET B 244 24.16 14.89 6.18
C MET B 244 24.83 15.93 5.32
N LEU B 245 25.60 15.47 4.35
CA LEU B 245 26.24 16.31 3.35
C LEU B 245 25.54 16.06 2.03
N SER B 246 25.22 17.14 1.31
CA SER B 246 24.54 17.00 0.03
C SER B 246 25.26 17.83 -1.02
N LYS B 247 25.33 17.28 -2.24
CA LYS B 247 25.79 18.07 -3.37
C LYS B 247 24.69 19.05 -3.76
N LEU B 248 25.03 20.00 -4.62
CA LEU B 248 24.12 21.07 -4.99
C LEU B 248 23.85 21.06 -6.48
N ILE B 249 22.71 21.67 -6.83
CA ILE B 249 22.32 21.89 -8.22
C ILE B 249 23.03 23.12 -8.74
N ASP B 250 23.67 23.00 -9.91
CA ASP B 250 24.47 24.08 -10.49
C ASP B 250 23.59 24.97 -11.36
N GLY B 251 22.98 25.98 -10.74
CA GLY B 251 22.18 26.94 -11.49
C GLY B 251 21.86 28.15 -10.65
N THR B 252 21.06 29.04 -11.22
CA THR B 252 20.70 30.31 -10.58
C THR B 252 19.18 30.43 -10.55
N PHE B 253 18.61 30.44 -9.36
CA PHE B 253 17.17 30.56 -9.23
C PHE B 253 16.73 31.97 -9.61
N PRO B 254 15.60 32.12 -10.30
CA PRO B 254 15.15 33.45 -10.71
C PRO B 254 14.68 34.28 -9.51
N ASP B 255 14.66 35.59 -9.69
CA ASP B 255 14.18 36.52 -8.67
C ASP B 255 12.65 36.43 -8.63
N TYR B 256 12.13 35.64 -7.69
CA TYR B 256 10.71 35.37 -7.64
C TYR B 256 9.91 36.48 -6.96
N SER B 257 10.58 37.48 -6.36
CA SER B 257 9.88 38.53 -5.64
C SER B 257 8.86 39.24 -6.51
N SER B 258 9.11 39.33 -7.82
CA SER B 258 8.15 39.91 -8.74
C SER B 258 6.99 38.98 -9.08
N PHE B 259 7.08 37.70 -8.70
CA PHE B 259 5.99 36.76 -9.00
C PHE B 259 4.75 37.01 -8.15
N ILE B 260 4.90 37.71 -7.02
CA ILE B 260 3.83 37.90 -6.06
C ILE B 260 2.88 38.98 -6.59
N PRO B 261 1.60 38.66 -6.81
CA PRO B 261 0.67 39.66 -7.32
C PRO B 261 0.50 40.82 -6.34
N GLU B 262 0.66 42.04 -6.85
CA GLU B 262 0.48 43.23 -6.04
C GLU B 262 -0.87 43.90 -6.26
N ASN B 263 -1.49 43.71 -7.42
CA ASN B 263 -2.80 44.27 -7.72
C ASN B 263 -3.83 43.15 -7.74
N SER B 264 -4.67 43.08 -6.72
CA SER B 264 -5.69 42.04 -6.59
C SER B 264 -7.06 42.70 -6.44
N SER B 265 -8.01 42.34 -7.31
CA SER B 265 -9.34 42.92 -7.23
C SER B 265 -10.19 42.22 -6.17
N SER B 266 -10.34 40.91 -6.32
CA SER B 266 -11.24 40.10 -5.51
C SER B 266 -10.49 39.27 -4.47
N LYS B 267 -11.22 38.91 -3.42
CA LYS B 267 -10.69 38.12 -2.32
C LYS B 267 -11.70 37.05 -1.94
N LEU B 268 -11.24 35.80 -1.93
CA LEU B 268 -12.04 34.67 -1.49
C LEU B 268 -11.53 34.21 -0.14
N VAL B 269 -12.45 33.99 0.80
CA VAL B 269 -12.15 33.36 2.07
C VAL B 269 -13.08 32.15 2.21
N ILE B 270 -12.49 30.96 2.40
CA ILE B 270 -13.26 29.73 2.36
C ILE B 270 -12.65 28.73 3.33
N ASN B 271 -13.49 27.84 3.87
CA ASN B 271 -13.00 26.75 4.70
C ASN B 271 -12.06 25.86 3.90
N ARG B 272 -10.87 25.63 4.44
CA ARG B 272 -9.83 24.93 3.69
C ARG B 272 -10.23 23.50 3.35
N LYS B 273 -10.73 22.76 4.35
CA LYS B 273 -11.11 21.37 4.13
C LYS B 273 -12.24 21.26 3.13
N ILE B 274 -13.30 22.06 3.29
CA ILE B 274 -14.40 22.03 2.33
C ILE B 274 -13.87 22.29 0.93
N PHE B 275 -13.06 23.34 0.78
CA PHE B 275 -12.50 23.71 -0.51
C PHE B 275 -11.73 22.56 -1.13
N ALA B 276 -10.85 21.93 -0.35
CA ALA B 276 -10.02 20.86 -0.90
C ALA B 276 -10.85 19.64 -1.26
N ASP B 277 -11.72 19.19 -0.34
CA ASP B 277 -12.53 18.02 -0.59
C ASP B 277 -13.41 18.20 -1.83
N THR B 278 -13.99 19.40 -2.01
CA THR B 278 -14.88 19.63 -3.13
C THR B 278 -14.13 19.64 -4.45
N ILE B 279 -12.97 20.29 -4.51
CA ILE B 279 -12.15 20.26 -5.71
C ILE B 279 -11.83 18.81 -6.09
N GLU B 280 -11.51 18.00 -5.09
CA GLU B 280 -11.10 16.64 -5.37
C GLU B 280 -12.27 15.81 -5.89
N ARG B 281 -13.44 15.93 -5.27
CA ARG B 281 -14.55 15.12 -5.74
C ARG B 281 -15.04 15.61 -7.09
N ILE B 282 -14.93 16.92 -7.36
CA ILE B 282 -15.29 17.45 -8.67
C ILE B 282 -14.28 17.06 -9.74
N ALA B 283 -13.00 16.95 -9.38
CA ALA B 283 -11.97 16.63 -10.38
C ALA B 283 -12.01 15.17 -10.84
N ILE B 284 -12.72 14.30 -10.11
CA ILE B 284 -12.76 12.88 -10.48
C ILE B 284 -13.23 12.69 -11.92
N ILE B 285 -14.15 13.53 -12.39
CA ILE B 285 -14.72 13.36 -13.72
C ILE B 285 -13.72 13.66 -14.83
N THR B 286 -12.66 14.42 -14.54
CA THR B 286 -11.75 14.87 -15.59
C THR B 286 -10.85 13.71 -16.05
N VAL B 287 -10.23 13.90 -17.21
CA VAL B 287 -9.27 12.95 -17.75
C VAL B 287 -7.88 13.55 -17.64
N GLU B 288 -6.88 12.68 -17.75
CA GLU B 288 -5.49 13.10 -17.51
C GLU B 288 -5.06 14.21 -18.46
N LYS B 289 -5.52 14.17 -19.72
CA LYS B 289 -5.07 15.16 -20.69
C LYS B 289 -5.60 16.56 -20.41
N PHE B 290 -6.65 16.70 -19.58
CA PHE B 290 -7.28 17.99 -19.33
C PHE B 290 -7.72 18.03 -17.87
N ARG B 291 -6.76 18.29 -16.96
CA ARG B 291 -7.07 18.41 -15.55
C ARG B 291 -7.30 19.88 -15.24
N ALA B 292 -8.58 20.24 -15.14
CA ALA B 292 -8.98 21.62 -14.92
C ALA B 292 -10.27 21.60 -14.15
N VAL B 293 -10.39 22.48 -13.18
CA VAL B 293 -11.66 22.72 -12.53
C VAL B 293 -11.97 24.20 -12.68
N LYS B 294 -13.24 24.51 -12.78
CA LYS B 294 -13.72 25.88 -12.95
C LYS B 294 -14.25 26.40 -11.63
N LEU B 295 -13.67 27.50 -11.16
CA LEU B 295 -14.17 28.22 -9.99
C LEU B 295 -15.06 29.35 -10.50
N SER B 296 -16.36 29.23 -10.26
CA SER B 296 -17.32 30.27 -10.62
C SER B 296 -17.69 31.03 -9.36
N LEU B 297 -17.09 32.21 -9.18
CA LEU B 297 -17.11 32.94 -7.91
C LEU B 297 -18.10 34.10 -7.97
N SER B 298 -18.96 34.19 -6.95
CA SER B 298 -19.82 35.34 -6.73
C SER B 298 -19.99 35.56 -5.23
N GLY B 299 -20.54 36.71 -4.86
CA GLY B 299 -20.77 37.00 -3.46
C GLY B 299 -21.70 35.98 -2.81
N GLU B 300 -22.67 35.47 -3.57
CA GLU B 300 -23.66 34.55 -3.05
C GLU B 300 -23.10 33.14 -2.85
N ALA B 301 -22.23 32.66 -3.74
CA ALA B 301 -21.79 31.27 -3.67
C ALA B 301 -20.62 31.02 -4.61
N LEU B 302 -20.00 29.84 -4.45
CA LEU B 302 -18.99 29.35 -5.38
C LEU B 302 -19.49 28.07 -6.00
N GLU B 303 -19.38 27.99 -7.32
CA GLU B 303 -19.74 26.79 -8.07
C GLU B 303 -18.47 26.22 -8.68
N ILE B 304 -18.08 25.04 -8.21
CA ILE B 304 -16.90 24.32 -8.72
C ILE B 304 -17.39 23.28 -9.70
N SER B 305 -16.95 23.38 -10.95
CA SER B 305 -17.42 22.49 -11.99
C SER B 305 -16.23 21.86 -12.72
N ALA B 306 -16.52 20.84 -13.51
CA ALA B 306 -15.48 20.14 -14.27
C ALA B 306 -16.13 19.30 -15.35
N ILE B 307 -15.40 19.11 -16.45
CA ILE B 307 -15.86 18.36 -17.60
C ILE B 307 -14.84 17.25 -17.88
N GLY B 308 -15.33 16.10 -18.31
CA GLY B 308 -14.48 15.03 -18.77
C GLY B 308 -15.02 14.43 -20.06
N GLU B 309 -14.26 14.57 -21.14
CA GLU B 309 -14.67 14.12 -22.46
C GLU B 309 -15.07 12.65 -22.44
N ALA B 310 -16.25 12.35 -22.98
CA ALA B 310 -16.80 10.99 -23.03
C ALA B 310 -16.96 10.37 -21.63
N ARG B 311 -16.99 11.20 -20.59
CA ARG B 311 -17.26 10.75 -19.23
C ARG B 311 -18.47 11.44 -18.62
N GLY B 312 -18.56 12.77 -18.73
CA GLY B 312 -19.67 13.51 -18.19
C GLY B 312 -19.23 14.82 -17.58
N ASN B 313 -19.94 15.29 -16.56
CA ASN B 313 -19.62 16.58 -15.97
C ASN B 313 -19.99 16.55 -14.49
N ALA B 314 -19.56 17.59 -13.76
CA ALA B 314 -19.74 17.60 -12.32
C ALA B 314 -19.79 19.04 -11.83
N LYS B 315 -20.56 19.26 -10.76
CA LYS B 315 -20.76 20.60 -10.20
C LYS B 315 -21.09 20.47 -8.72
N GLU B 316 -20.53 21.36 -7.90
CA GLU B 316 -20.93 21.49 -6.50
C GLU B 316 -20.98 22.96 -6.13
N VAL B 317 -21.92 23.32 -5.25
CA VAL B 317 -22.16 24.71 -4.86
C VAL B 317 -21.84 24.89 -3.37
N ILE B 318 -21.05 25.92 -3.08
CA ILE B 318 -20.71 26.34 -1.71
C ILE B 318 -21.34 27.71 -1.47
N ASN B 319 -22.28 27.79 -0.53
CA ASN B 319 -23.05 29.02 -0.33
C ASN B 319 -22.36 29.94 0.67
N SER B 320 -22.84 31.19 0.73
CA SER B 320 -22.33 32.18 1.67
C SER B 320 -22.52 31.68 3.10
N SER B 321 -21.47 31.82 3.92
CA SER B 321 -21.57 31.51 5.34
C SER B 321 -20.42 32.18 6.08
N LYS B 322 -20.73 32.79 7.22
CA LYS B 322 -19.74 33.33 8.13
C LYS B 322 -19.33 32.34 9.22
N GLU B 323 -19.92 31.14 9.25
CA GLU B 323 -19.56 30.11 10.21
C GLU B 323 -18.29 29.40 9.76
N THR B 324 -17.40 29.09 10.72
CA THR B 324 -16.07 28.57 10.38
C THR B 324 -16.17 27.26 9.58
N GLU B 325 -16.94 26.30 10.08
CA GLU B 325 -16.99 24.97 9.48
C GLU B 325 -17.36 25.01 8.01
N ASN B 326 -18.17 25.99 7.60
CA ASN B 326 -18.63 26.08 6.22
C ASN B 326 -18.37 27.46 5.63
N PHE B 327 -17.28 28.11 6.05
CA PHE B 327 -17.07 29.52 5.73
C PHE B 327 -16.94 29.74 4.23
N TYR B 328 -17.65 30.74 3.72
CA TYR B 328 -17.48 31.21 2.35
C TYR B 328 -17.80 32.69 2.29
N GLU B 329 -16.86 33.50 1.81
CA GLU B 329 -17.07 34.91 1.53
C GLU B 329 -16.26 35.30 0.31
N TYR B 330 -16.89 35.98 -0.63
CA TYR B 330 -16.22 36.46 -1.84
C TYR B 330 -16.50 37.95 -2.00
N SER B 331 -15.43 38.74 -2.00
CA SER B 331 -15.54 40.20 -2.09
C SER B 331 -15.22 40.57 -3.53
N GLY B 332 -16.24 40.56 -4.38
CA GLY B 332 -16.04 40.89 -5.78
C GLY B 332 -17.15 41.75 -6.35
N GLU B 333 -16.78 42.86 -7.00
CA GLU B 333 -17.78 43.69 -7.65
C GLU B 333 -18.52 42.91 -8.73
N THR B 334 -17.77 42.16 -9.54
CA THR B 334 -18.32 41.29 -10.56
C THR B 334 -18.00 39.84 -10.21
N ASN B 335 -18.72 38.93 -10.86
CA ASN B 335 -18.38 37.53 -10.76
C ASN B 335 -17.13 37.23 -11.59
N LEU B 336 -16.42 36.20 -11.17
CA LEU B 336 -15.17 35.81 -11.82
C LEU B 336 -15.22 34.32 -12.08
N ASP B 337 -14.97 33.92 -13.33
CA ASP B 337 -14.92 32.52 -13.75
C ASP B 337 -13.51 32.19 -14.19
N ILE B 338 -12.82 31.36 -13.41
CA ILE B 338 -11.39 31.14 -13.55
C ILE B 338 -11.10 29.66 -13.31
N GLY B 339 -10.19 29.09 -14.09
CA GLY B 339 -9.90 27.68 -14.05
C GLY B 339 -8.52 27.37 -13.51
N PHE B 340 -8.35 26.18 -12.94
CA PHE B 340 -7.07 25.75 -12.39
C PHE B 340 -6.90 24.25 -12.54
N ASN B 341 -5.66 23.86 -12.64
CA ASN B 341 -5.29 22.47 -12.48
C ASN B 341 -5.64 22.09 -11.04
N PRO B 342 -6.59 21.17 -10.83
CA PRO B 342 -6.95 20.79 -9.45
C PRO B 342 -5.77 20.36 -8.62
N GLN B 343 -4.79 19.67 -9.23
CA GLN B 343 -3.65 19.16 -8.47
C GLN B 343 -2.82 20.30 -7.88
N TYR B 344 -2.67 21.39 -8.61
CA TYR B 344 -1.85 22.48 -8.10
C TYR B 344 -2.53 23.19 -6.95
N LEU B 345 -3.87 23.26 -6.98
CA LEU B 345 -4.58 23.79 -5.82
C LEU B 345 -4.50 22.82 -4.65
N GLU B 346 -4.66 21.52 -4.92
CA GLU B 346 -4.60 20.53 -3.85
C GLU B 346 -3.26 20.55 -3.14
N ASP B 347 -2.16 20.64 -3.90
CA ASP B 347 -0.83 20.67 -3.28
C ASP B 347 -0.74 21.79 -2.24
N VAL B 348 -1.24 22.99 -2.59
CA VAL B 348 -1.18 24.11 -1.66
C VAL B 348 -2.12 23.89 -0.47
N LEU B 349 -3.35 23.48 -0.76
CA LEU B 349 -4.35 23.38 0.30
C LEU B 349 -3.98 22.30 1.32
N LYS B 350 -3.30 21.23 0.90
CA LYS B 350 -2.91 20.16 1.81
C LYS B 350 -1.57 20.43 2.48
N ALA B 351 -0.91 21.53 2.14
CA ALA B 351 0.39 21.82 2.71
C ALA B 351 0.29 22.45 4.10
N ILE B 352 -0.79 23.16 4.40
CA ILE B 352 -0.93 23.89 5.65
C ILE B 352 -2.20 23.44 6.36
N LYS B 353 -2.05 23.03 7.63
CA LYS B 353 -3.20 22.64 8.45
C LYS B 353 -3.81 23.90 9.04
N SER B 354 -4.86 24.40 8.40
CA SER B 354 -5.49 25.66 8.77
C SER B 354 -6.99 25.55 8.59
N ASP B 355 -7.73 26.36 9.34
CA ASP B 355 -9.18 26.33 9.26
C ASP B 355 -9.67 27.00 7.98
N LEU B 356 -9.14 28.17 7.67
CA LEU B 356 -9.54 28.93 6.49
C LEU B 356 -8.36 29.15 5.55
N VAL B 357 -8.68 29.63 4.34
CA VAL B 357 -7.69 29.93 3.32
C VAL B 357 -8.17 31.15 2.55
N GLU B 358 -7.22 31.98 2.12
CA GLU B 358 -7.56 33.15 1.33
C GLU B 358 -6.93 33.05 -0.04
N LEU B 359 -7.70 33.41 -1.06
CA LEU B 359 -7.22 33.45 -2.44
C LEU B 359 -7.52 34.82 -3.01
N TYR B 360 -6.51 35.44 -3.64
CA TYR B 360 -6.57 36.78 -4.19
C TYR B 360 -6.48 36.71 -5.71
N PHE B 361 -7.49 37.24 -6.39
CA PHE B 361 -7.66 37.15 -7.84
C PHE B 361 -7.53 38.50 -8.52
N SER B 362 -7.39 38.44 -9.84
CA SER B 362 -7.43 39.61 -10.72
C SER B 362 -8.29 39.28 -11.94
N SER B 363 -7.64 38.91 -13.04
CA SER B 363 -8.30 38.51 -14.27
C SER B 363 -8.35 36.98 -14.38
N VAL B 364 -9.14 36.51 -15.36
CA VAL B 364 -9.25 35.09 -15.62
C VAL B 364 -7.95 34.48 -16.10
N SER B 365 -6.97 35.32 -16.49
CA SER B 365 -5.69 34.85 -16.99
C SER B 365 -4.52 35.14 -16.06
N ALA B 366 -4.73 35.83 -15.01
CA ALA B 366 -3.74 36.19 -14.01
C ALA B 366 -3.69 35.15 -12.89
N PRO B 367 -2.55 34.99 -12.22
CA PRO B 367 -2.43 33.95 -11.19
C PRO B 367 -3.19 34.29 -9.92
N VAL B 368 -3.48 33.26 -9.16
CA VAL B 368 -4.06 33.44 -7.84
C VAL B 368 -2.95 33.50 -6.80
N LEU B 369 -3.11 34.36 -5.81
CA LEU B 369 -2.25 34.39 -4.63
C LEU B 369 -2.99 33.73 -3.48
N ILE B 370 -2.37 32.70 -2.89
CA ILE B 370 -2.99 31.92 -1.82
C ILE B 370 -2.22 32.18 -0.53
N LYS B 371 -2.95 32.53 0.51
CA LYS B 371 -2.39 32.83 1.82
C LYS B 371 -3.18 32.10 2.87
N PHE B 372 -2.50 31.77 3.96
CA PHE B 372 -3.16 31.16 5.11
C PHE B 372 -3.03 32.11 6.30
N PRO B 373 -4.12 32.74 6.73
CA PRO B 373 -4.02 33.72 7.82
C PRO B 373 -3.41 33.15 9.08
N GLU B 374 -3.43 31.83 9.26
CA GLU B 374 -2.74 31.22 10.39
C GLU B 374 -1.24 31.14 10.16
N SER B 375 -0.80 30.98 8.89
CA SER B 375 0.60 30.78 8.52
C SER B 375 1.00 31.89 7.55
N PRO B 376 1.33 33.07 8.04
CA PRO B 376 1.60 34.21 7.15
C PRO B 376 2.95 34.14 6.45
N LYS B 377 3.84 33.23 6.85
CA LYS B 377 5.14 33.11 6.20
C LYS B 377 5.14 32.09 5.07
N ASP B 378 3.97 31.57 4.69
CA ASP B 378 3.84 30.63 3.58
C ASP B 378 3.05 31.30 2.47
N ILE B 379 3.67 31.46 1.31
CA ILE B 379 3.11 32.22 0.19
C ILE B 379 3.06 31.32 -1.04
N PHE B 380 1.92 31.31 -1.72
CA PHE B 380 1.73 30.45 -2.89
C PHE B 380 1.08 31.22 -4.02
N VAL B 381 1.61 31.06 -5.23
CA VAL B 381 1.07 31.68 -6.43
C VAL B 381 0.86 30.56 -7.45
N VAL B 382 -0.35 30.49 -8.05
CA VAL B 382 -0.71 29.45 -9.01
C VAL B 382 -1.25 30.11 -10.27
N MET B 383 -0.65 29.80 -11.43
CA MET B 383 -1.18 30.24 -12.70
C MET B 383 -2.48 29.50 -13.01
N PRO B 384 -3.43 30.15 -13.72
CA PRO B 384 -4.68 29.48 -14.08
C PRO B 384 -4.60 28.78 -15.43
N VAL B 385 -5.69 28.15 -15.83
CA VAL B 385 -5.84 27.52 -17.14
C VAL B 385 -7.21 27.91 -17.70
N LYS B 386 -7.31 27.85 -19.02
CA LYS B 386 -8.56 28.21 -19.69
C LYS B 386 -9.64 27.16 -19.45
N VAL B 387 -10.83 27.61 -19.03
CA VAL B 387 -11.98 26.73 -18.86
C VAL B 387 -13.20 27.37 -19.51
C1 EDO C . 2.14 -33.48 -3.09
C1 EDO C . 2.04 -33.47 -2.25
O1 EDO C . 1.45 -32.83 -2.02
O1 EDO C . 2.07 -34.89 -2.44
C2 EDO C . 1.49 -33.10 -4.42
C2 EDO C . 1.23 -32.81 -3.36
O2 EDO C . 2.49 -33.08 -5.45
O2 EDO C . 1.73 -33.22 -4.63
S SCN D . 12.91 29.56 -16.69
C SCN D . 14.57 29.15 -16.15
N SCN D . 15.66 28.81 -15.87
#